data_1L7C
#
_entry.id   1L7C
#
_cell.length_a   64.780
_cell.length_b   105.290
_cell.length_c   123.910
_cell.angle_alpha   90.00
_cell.angle_beta   90.00
_cell.angle_gamma   90.00
#
_symmetry.space_group_name_H-M   'P 21 21 21'
#
loop_
_entity.id
_entity.type
_entity.pdbx_description
1 polymer 'Alpha E-catenin'
2 water water
#
_entity_poly.entity_id   1
_entity_poly.type   'polypeptide(L)'
_entity_poly.pdbx_seq_one_letter_code
;GSAVMDHVSDSFLETNVPLLVLIEAAKNGNEKEVKEYAQVFREHANKLIEVANLACSISNNEEGVKLVR(MSE)SASQLE
ALCPQVINAALALAAKPQSKLAQEN(MSE)DLFKEQWEKQVRVLTDAVDDITSIDDFLAVSENHILEDVNKCVIALQEKD
VDGLDRTAGAIRGRAARVIHVVTSE(MSE)DNYEPGVYTEKVLEATKLLSNTV(MSE)PRFTEQVEAAVEALSSDPAQP
(MSE)DENEFIDASRLVYDGIRDIRKAVL(MSE)IRTPEELDDSDFETEDFDVR
;
_entity_poly.pdbx_strand_id   A,B,C
#
# COMPACT_ATOMS: atom_id res chain seq x y z
N ASP A 6 -1.91 22.46 16.41
CA ASP A 6 -2.21 21.02 16.18
C ASP A 6 -1.00 20.39 15.50
N HIS A 7 -1.10 20.21 14.19
CA HIS A 7 -0.01 19.66 13.36
C HIS A 7 0.20 18.14 13.44
N VAL A 8 -0.91 17.41 13.49
CA VAL A 8 -0.90 15.94 13.55
C VAL A 8 -1.90 15.39 12.52
N SER A 9 -1.63 14.19 11.99
CA SER A 9 -2.50 13.57 10.98
C SER A 9 -3.19 12.33 11.50
N ASP A 10 -4.25 11.89 10.82
CA ASP A 10 -4.96 10.68 11.22
C ASP A 10 -3.93 9.56 11.21
N SER A 11 -3.04 9.64 10.22
CA SER A 11 -1.96 8.70 10.02
C SER A 11 -1.27 8.33 11.34
N PHE A 12 -1.00 9.34 12.17
CA PHE A 12 -0.35 9.14 13.47
C PHE A 12 -1.33 8.65 14.52
N LEU A 13 -2.47 9.32 14.60
CA LEU A 13 -3.53 9.00 15.57
C LEU A 13 -4.12 7.58 15.45
N GLU A 14 -4.52 7.23 14.24
CA GLU A 14 -5.17 5.95 13.95
C GLU A 14 -4.31 4.69 13.84
N THR A 15 -3.01 4.83 13.61
CA THR A 15 -2.15 3.66 13.45
C THR A 15 -2.12 2.68 14.61
N ASN A 16 -2.14 1.39 14.26
CA ASN A 16 -2.06 0.30 15.23
C ASN A 16 -0.80 -0.48 14.87
N VAL A 17 -0.01 0.08 13.95
CA VAL A 17 1.21 -0.55 13.46
C VAL A 17 2.16 -1.05 14.55
N PRO A 18 2.43 -0.20 15.56
CA PRO A 18 3.33 -0.64 16.64
C PRO A 18 2.73 -1.85 17.34
N LEU A 19 1.41 -1.82 17.50
CA LEU A 19 0.70 -2.90 18.14
C LEU A 19 0.87 -4.16 17.34
N LEU A 20 0.37 -4.12 16.10
CA LEU A 20 0.47 -5.26 15.18
C LEU A 20 1.87 -5.82 15.14
N VAL A 21 2.86 -4.96 14.94
CA VAL A 21 4.23 -5.42 14.87
C VAL A 21 4.66 -6.06 16.20
N LEU A 22 4.20 -5.48 17.31
CA LEU A 22 4.50 -6.02 18.64
C LEU A 22 3.94 -7.43 18.71
N ILE A 23 2.66 -7.57 18.37
CA ILE A 23 1.99 -8.86 18.39
C ILE A 23 2.69 -9.89 17.50
N GLU A 24 3.28 -9.41 16.40
CA GLU A 24 3.98 -10.32 15.50
C GLU A 24 5.22 -10.93 16.19
N ALA A 25 6.01 -10.06 16.82
CA ALA A 25 7.19 -10.52 17.55
C ALA A 25 6.77 -11.56 18.59
N ALA A 26 6.02 -11.11 19.60
CA ALA A 26 5.53 -11.99 20.64
C ALA A 26 5.02 -13.30 20.03
N LYS A 27 4.36 -13.19 18.87
CA LYS A 27 3.82 -14.36 18.22
C LYS A 27 4.91 -15.40 17.94
N ASN A 28 6.14 -14.94 17.67
CA ASN A 28 7.22 -15.90 17.43
C ASN A 28 8.35 -15.80 18.45
N GLY A 29 7.96 -15.73 19.72
CA GLY A 29 8.92 -15.66 20.82
C GLY A 29 10.15 -14.80 20.66
N ASN A 30 10.08 -13.78 19.80
CA ASN A 30 11.23 -12.91 19.60
C ASN A 30 11.29 -11.91 20.75
N GLU A 31 11.74 -12.39 21.90
CA GLU A 31 11.86 -11.59 23.10
C GLU A 31 12.59 -10.26 22.87
N LYS A 32 13.61 -10.27 22.02
CA LYS A 32 14.36 -9.05 21.74
C LYS A 32 13.48 -7.94 21.17
N GLU A 33 12.96 -8.15 19.95
CA GLU A 33 12.13 -7.13 19.33
C GLU A 33 10.88 -6.82 20.13
N VAL A 34 10.34 -7.81 20.83
CA VAL A 34 9.15 -7.56 21.65
C VAL A 34 9.43 -6.39 22.61
N LYS A 35 10.58 -6.42 23.28
CA LYS A 35 10.88 -5.33 24.18
C LYS A 35 11.19 -4.06 23.41
N GLU A 36 11.55 -4.18 22.14
CA GLU A 36 11.83 -3.01 21.31
C GLU A 36 10.49 -2.38 20.95
N TYR A 37 9.60 -3.22 20.43
CA TYR A 37 8.28 -2.79 19.99
C TYR A 37 7.37 -2.33 21.13
N ALA A 38 7.51 -2.96 22.29
CA ALA A 38 6.70 -2.60 23.45
C ALA A 38 6.97 -1.16 23.79
N GLN A 39 8.24 -0.77 23.68
CA GLN A 39 8.70 0.58 23.95
C GLN A 39 8.18 1.60 22.92
N VAL A 40 8.14 1.21 21.65
CA VAL A 40 7.65 2.11 20.60
C VAL A 40 6.15 2.26 20.82
N PHE A 41 5.48 1.15 21.08
CA PHE A 41 4.05 1.16 21.36
C PHE A 41 3.79 2.21 22.45
N ARG A 42 4.40 2.01 23.62
CA ARG A 42 4.24 2.92 24.74
C ARG A 42 4.52 4.37 24.37
N GLU A 43 5.67 4.60 23.75
CA GLU A 43 6.04 5.96 23.33
C GLU A 43 4.95 6.56 22.44
N HIS A 44 4.37 5.72 21.58
CA HIS A 44 3.31 6.14 20.65
C HIS A 44 2.06 6.50 21.44
N ALA A 45 1.74 5.67 22.42
CA ALA A 45 0.55 5.92 23.22
C ALA A 45 0.67 7.23 24.01
N ASN A 46 1.84 7.49 24.57
CA ASN A 46 2.05 8.71 25.35
C ASN A 46 1.88 9.95 24.50
N LYS A 47 2.43 9.88 23.30
CA LYS A 47 2.34 11.02 22.39
C LYS A 47 0.86 11.22 22.04
N LEU A 48 0.17 10.10 21.81
CA LEU A 48 -1.25 10.12 21.47
C LEU A 48 -2.01 10.79 22.61
N ILE A 49 -1.65 10.44 23.85
CA ILE A 49 -2.31 11.01 25.01
C ILE A 49 -1.97 12.50 25.21
N GLU A 50 -0.72 12.87 24.89
CA GLU A 50 -0.30 14.27 25.00
C GLU A 50 -0.99 15.11 23.95
N VAL A 51 -1.03 14.60 22.72
CA VAL A 51 -1.69 15.32 21.64
C VAL A 51 -3.14 15.53 22.08
N ALA A 52 -3.76 14.46 22.55
CA ALA A 52 -5.14 14.56 22.99
C ALA A 52 -5.24 15.64 24.07
N ASN A 53 -4.30 15.64 25.02
CA ASN A 53 -4.32 16.66 26.10
C ASN A 53 -4.32 18.10 25.58
N LEU A 54 -3.51 18.39 24.57
CA LEU A 54 -3.46 19.73 23.98
C LEU A 54 -4.81 20.09 23.34
N ALA A 55 -5.35 19.14 22.58
CA ALA A 55 -6.61 19.37 21.89
C ALA A 55 -7.65 19.86 22.88
N CYS A 56 -7.62 19.31 24.09
CA CYS A 56 -8.59 19.68 25.12
C CYS A 56 -8.43 21.11 25.63
N SER A 57 -7.25 21.44 26.13
CA SER A 57 -6.99 22.78 26.67
C SER A 57 -7.59 23.90 25.83
N ILE A 58 -7.31 23.90 24.54
CA ILE A 58 -7.81 24.94 23.65
C ILE A 58 -9.29 24.81 23.30
N SER A 59 -9.87 23.63 23.57
CA SER A 59 -11.28 23.39 23.26
C SER A 59 -12.28 23.96 24.27
N ASN A 60 -13.44 24.34 23.74
CA ASN A 60 -14.55 24.91 24.51
C ASN A 60 -15.66 23.88 24.74
N ASN A 61 -15.68 22.84 23.89
CA ASN A 61 -16.69 21.79 23.95
C ASN A 61 -16.59 20.92 25.19
N GLU A 62 -17.50 21.12 26.13
CA GLU A 62 -17.50 20.37 27.38
C GLU A 62 -17.56 18.86 27.15
N GLU A 63 -18.63 18.40 26.52
CA GLU A 63 -18.79 16.99 26.27
C GLU A 63 -17.70 16.43 25.35
N GLY A 64 -17.32 17.21 24.34
CA GLY A 64 -16.28 16.75 23.43
C GLY A 64 -14.97 16.46 24.15
N VAL A 65 -14.64 17.28 25.14
CA VAL A 65 -13.41 17.06 25.88
C VAL A 65 -13.55 15.84 26.80
N LYS A 66 -14.71 15.72 27.45
CA LYS A 66 -14.95 14.57 28.33
C LYS A 66 -14.63 13.32 27.53
N LEU A 67 -15.28 13.17 26.38
CA LEU A 67 -15.05 12.00 25.54
C LEU A 67 -13.56 11.74 25.30
N VAL A 68 -12.81 12.79 24.97
CA VAL A 68 -11.37 12.67 24.71
C VAL A 68 -10.65 12.21 25.97
N ARG A 69 -11.03 12.82 27.09
CA ARG A 69 -10.43 12.50 28.39
C ARG A 69 -10.61 11.03 28.70
N MSE A 70 -11.86 10.59 28.64
CA MSE A 70 -12.18 9.20 28.91
C MSE A 70 -11.44 8.28 27.97
O MSE A 70 -10.67 7.40 28.40
CB MSE A 70 -13.67 8.97 28.75
CG MSE A 70 -14.46 9.68 29.80
SE MSE A 70 -16.27 9.01 29.86
CE MSE A 70 -17.16 10.72 29.71
N SER A 71 -11.68 8.46 26.69
CA SER A 71 -11.01 7.65 25.67
C SER A 71 -9.51 7.63 25.95
N ALA A 72 -8.94 8.76 26.36
CA ALA A 72 -7.52 8.82 26.65
C ALA A 72 -7.17 8.01 27.91
N SER A 73 -8.05 8.04 28.92
CA SER A 73 -7.83 7.29 30.14
C SER A 73 -7.80 5.81 29.86
N GLN A 74 -8.86 5.32 29.23
CA GLN A 74 -8.95 3.91 28.90
C GLN A 74 -7.72 3.44 28.14
N LEU A 75 -7.06 4.35 27.40
CA LEU A 75 -5.86 3.94 26.69
C LEU A 75 -4.71 3.76 27.70
N GLU A 76 -4.63 4.65 28.69
CA GLU A 76 -3.59 4.56 29.73
C GLU A 76 -3.74 3.23 30.47
N ALA A 77 -4.98 2.93 30.89
CA ALA A 77 -5.26 1.70 31.62
C ALA A 77 -4.90 0.45 30.80
N LEU A 78 -5.32 0.44 29.52
CA LEU A 78 -5.05 -0.69 28.64
C LEU A 78 -3.59 -0.89 28.26
N CYS A 79 -2.88 0.21 28.05
CA CYS A 79 -1.49 0.11 27.62
C CYS A 79 -0.71 -1.00 28.35
N PRO A 80 -0.45 -0.84 29.67
CA PRO A 80 0.29 -1.87 30.41
C PRO A 80 -0.26 -3.27 30.14
N GLN A 81 -1.57 -3.39 30.17
CA GLN A 81 -2.20 -4.69 29.94
C GLN A 81 -1.80 -5.28 28.60
N VAL A 82 -1.73 -4.44 27.58
CA VAL A 82 -1.35 -4.89 26.25
C VAL A 82 0.10 -5.35 26.19
N ILE A 83 1.01 -4.54 26.73
CA ILE A 83 2.42 -4.91 26.70
C ILE A 83 2.60 -6.22 27.43
N ASN A 84 2.15 -6.26 28.68
CA ASN A 84 2.27 -7.48 29.45
C ASN A 84 1.67 -8.68 28.73
N ALA A 85 0.50 -8.50 28.13
CA ALA A 85 -0.17 -9.59 27.43
C ALA A 85 0.71 -10.13 26.30
N ALA A 86 1.60 -9.26 25.81
CA ALA A 86 2.51 -9.64 24.75
C ALA A 86 3.61 -10.52 25.34
N LEU A 87 4.25 -10.03 26.40
CA LEU A 87 5.32 -10.77 27.07
C LEU A 87 4.80 -12.15 27.50
N ALA A 88 3.49 -12.25 27.70
CA ALA A 88 2.90 -13.51 28.08
C ALA A 88 2.84 -14.41 26.86
N LEU A 89 2.86 -13.80 25.67
CA LEU A 89 2.81 -14.60 24.46
C LEU A 89 4.22 -14.95 23.99
N ALA A 90 5.13 -13.99 24.09
CA ALA A 90 6.51 -14.21 23.70
C ALA A 90 7.10 -15.40 24.47
N ALA A 91 6.86 -15.42 25.78
CA ALA A 91 7.36 -16.50 26.64
C ALA A 91 6.73 -17.84 26.29
N LYS A 92 5.45 -17.82 25.92
CA LYS A 92 4.73 -19.04 25.55
C LYS A 92 3.96 -18.92 24.24
N PRO A 93 4.66 -18.66 23.12
CA PRO A 93 4.03 -18.51 21.81
C PRO A 93 3.02 -19.61 21.53
N GLN A 94 3.21 -20.74 22.20
CA GLN A 94 2.33 -21.88 22.03
C GLN A 94 1.03 -21.77 22.82
N SER A 95 1.09 -21.15 24.00
CA SER A 95 -0.08 -20.99 24.87
C SER A 95 -1.31 -20.40 24.19
N LYS A 96 -2.26 -21.28 23.85
CA LYS A 96 -3.50 -20.87 23.18
C LYS A 96 -4.17 -19.76 24.00
N LEU A 97 -4.12 -19.90 25.33
CA LEU A 97 -4.69 -18.91 26.23
C LEU A 97 -4.05 -17.55 25.94
N ALA A 98 -2.71 -17.54 25.97
CA ALA A 98 -1.94 -16.31 25.73
C ALA A 98 -2.28 -15.62 24.41
N GLN A 99 -2.58 -16.42 23.40
CA GLN A 99 -2.91 -15.89 22.08
C GLN A 99 -4.24 -15.15 22.16
N GLU A 100 -5.24 -15.84 22.68
CA GLU A 100 -6.57 -15.24 22.80
C GLU A 100 -6.50 -13.88 23.51
N ASN A 101 -5.85 -13.83 24.66
CA ASN A 101 -5.72 -12.59 25.42
C ASN A 101 -5.15 -11.49 24.54
N MSE A 102 -4.11 -11.83 23.77
CA MSE A 102 -3.48 -10.86 22.90
C MSE A 102 -4.51 -10.20 21.99
O MSE A 102 -4.68 -8.98 22.03
CB MSE A 102 -2.39 -11.54 22.05
CG MSE A 102 -1.46 -10.55 21.39
SE MSE A 102 -0.51 -9.56 22.75
CE MSE A 102 -1.05 -7.72 22.39
N ASP A 103 -5.20 -11.01 21.19
CA ASP A 103 -6.21 -10.48 20.28
C ASP A 103 -7.32 -9.71 20.98
N LEU A 104 -7.86 -10.26 22.06
CA LEU A 104 -8.91 -9.57 22.82
C LEU A 104 -8.40 -8.20 23.20
N PHE A 105 -7.18 -8.14 23.70
CA PHE A 105 -6.62 -6.87 24.09
C PHE A 105 -6.42 -6.01 22.83
N LYS A 106 -6.10 -6.67 21.72
CA LYS A 106 -5.91 -5.95 20.47
C LYS A 106 -7.22 -5.25 20.07
N GLU A 107 -8.35 -5.95 20.19
CA GLU A 107 -9.64 -5.38 19.84
C GLU A 107 -9.92 -4.17 20.73
N GLN A 108 -9.87 -4.39 22.03
CA GLN A 108 -10.12 -3.32 23.00
C GLN A 108 -9.27 -2.10 22.68
N TRP A 109 -8.01 -2.34 22.34
CA TRP A 109 -7.09 -1.26 22.03
C TRP A 109 -7.44 -0.54 20.75
N GLU A 110 -7.74 -1.28 19.68
CA GLU A 110 -8.03 -0.63 18.40
C GLU A 110 -9.33 0.16 18.45
N LYS A 111 -10.28 -0.31 19.25
CA LYS A 111 -11.54 0.39 19.35
C LYS A 111 -11.36 1.74 20.03
N GLN A 112 -10.58 1.77 21.10
CA GLN A 112 -10.34 3.03 21.83
C GLN A 112 -9.48 4.00 21.03
N VAL A 113 -8.50 3.47 20.33
CA VAL A 113 -7.64 4.30 19.49
C VAL A 113 -8.51 5.04 18.47
N ARG A 114 -9.49 4.32 17.93
CA ARG A 114 -10.42 4.85 16.94
C ARG A 114 -11.32 5.88 17.60
N VAL A 115 -11.85 5.54 18.77
CA VAL A 115 -12.70 6.46 19.50
C VAL A 115 -11.93 7.73 19.74
N LEU A 116 -10.67 7.58 20.17
CA LEU A 116 -9.82 8.74 20.46
C LEU A 116 -9.54 9.60 19.22
N THR A 117 -9.18 8.97 18.11
CA THR A 117 -8.92 9.69 16.87
C THR A 117 -10.11 10.57 16.52
N ASP A 118 -11.27 9.96 16.33
CA ASP A 118 -12.47 10.72 15.98
C ASP A 118 -12.82 11.76 17.04
N ALA A 119 -12.60 11.43 18.32
CA ALA A 119 -12.93 12.37 19.39
C ALA A 119 -12.04 13.60 19.31
N VAL A 120 -10.72 13.39 19.22
CA VAL A 120 -9.77 14.51 19.11
C VAL A 120 -10.13 15.33 17.85
N ASP A 121 -10.36 14.63 16.74
CA ASP A 121 -10.71 15.33 15.52
C ASP A 121 -11.97 16.17 15.69
N ASP A 122 -12.98 15.67 16.40
CA ASP A 122 -14.21 16.43 16.59
C ASP A 122 -14.00 17.76 17.32
N ILE A 123 -12.89 17.93 18.02
CA ILE A 123 -12.69 19.19 18.70
C ILE A 123 -11.53 19.97 18.11
N THR A 124 -10.93 19.44 17.06
CA THR A 124 -9.81 20.10 16.43
C THR A 124 -10.28 21.30 15.59
N SER A 125 -11.30 21.09 14.74
CA SER A 125 -11.86 22.14 13.89
C SER A 125 -13.20 21.72 13.28
N ILE A 126 -13.91 22.65 12.66
CA ILE A 126 -15.20 22.32 12.08
C ILE A 126 -15.08 21.31 10.94
N ASP A 127 -14.13 21.50 10.03
CA ASP A 127 -13.98 20.57 8.91
C ASP A 127 -13.69 19.17 9.40
N ASP A 128 -12.86 19.09 10.42
CA ASP A 128 -12.51 17.79 11.02
C ASP A 128 -13.80 17.14 11.51
N PHE A 129 -14.55 17.91 12.29
CA PHE A 129 -15.81 17.45 12.85
C PHE A 129 -16.79 17.02 11.77
N LEU A 130 -16.83 17.77 10.68
CA LEU A 130 -17.73 17.46 9.60
C LEU A 130 -17.23 16.24 8.86
N ALA A 131 -15.92 16.05 8.85
CA ALA A 131 -15.33 14.91 8.14
C ALA A 131 -15.66 13.62 8.89
N VAL A 132 -15.52 13.68 10.21
CA VAL A 132 -15.80 12.54 11.04
C VAL A 132 -17.28 12.23 10.92
N SER A 133 -18.08 13.28 10.90
CA SER A 133 -19.53 13.14 10.81
C SER A 133 -19.93 12.45 9.53
N GLU A 134 -19.16 12.68 8.47
CA GLU A 134 -19.45 12.04 7.18
C GLU A 134 -19.16 10.54 7.27
N ASN A 135 -18.10 10.17 7.97
CA ASN A 135 -17.78 8.75 8.07
C ASN A 135 -18.72 7.97 8.95
N HIS A 136 -18.99 8.48 10.14
CA HIS A 136 -19.91 7.79 11.03
C HIS A 136 -21.28 7.65 10.35
N ILE A 137 -21.76 8.72 9.72
CA ILE A 137 -23.06 8.70 9.08
C ILE A 137 -23.13 7.66 7.98
N LEU A 138 -22.21 7.72 7.02
CA LEU A 138 -22.25 6.74 5.95
C LEU A 138 -22.09 5.31 6.50
N GLU A 139 -21.18 5.11 7.45
CA GLU A 139 -20.99 3.78 8.03
C GLU A 139 -22.28 3.33 8.73
N ASP A 140 -22.90 4.24 9.48
CA ASP A 140 -24.12 3.88 10.18
C ASP A 140 -25.20 3.57 9.14
N VAL A 141 -25.12 4.25 8.00
CA VAL A 141 -26.11 4.03 6.95
C VAL A 141 -25.95 2.62 6.38
N ASN A 142 -24.71 2.22 6.15
CA ASN A 142 -24.46 0.89 5.62
C ASN A 142 -24.92 -0.17 6.60
N LYS A 143 -24.71 0.09 7.89
CA LYS A 143 -25.13 -0.85 8.94
C LYS A 143 -26.65 -0.95 8.96
N CYS A 144 -27.32 0.20 8.85
CA CYS A 144 -28.77 0.24 8.84
C CYS A 144 -29.31 -0.61 7.71
N VAL A 145 -28.88 -0.29 6.49
CA VAL A 145 -29.32 -1.02 5.31
C VAL A 145 -29.15 -2.50 5.54
N ILE A 146 -28.00 -2.87 6.09
CA ILE A 146 -27.70 -4.28 6.38
C ILE A 146 -28.62 -4.86 7.45
N ALA A 147 -28.79 -4.11 8.54
CA ALA A 147 -29.64 -4.56 9.63
C ALA A 147 -31.05 -4.78 9.11
N LEU A 148 -31.49 -3.87 8.22
CA LEU A 148 -32.82 -4.00 7.66
C LEU A 148 -32.93 -5.32 6.90
N GLN A 149 -31.95 -5.60 6.03
CA GLN A 149 -31.97 -6.83 5.25
C GLN A 149 -31.94 -8.07 6.13
N GLU A 150 -31.33 -7.96 7.31
CA GLU A 150 -31.27 -9.10 8.22
C GLU A 150 -32.44 -9.02 9.19
N LYS A 151 -33.38 -8.14 8.92
CA LYS A 151 -34.54 -7.98 9.78
C LYS A 151 -34.09 -7.85 11.22
N ASP A 152 -32.98 -7.15 11.44
CA ASP A 152 -32.45 -6.93 12.79
C ASP A 152 -33.01 -5.62 13.35
N VAL A 153 -34.28 -5.61 13.71
CA VAL A 153 -34.90 -4.40 14.25
C VAL A 153 -34.02 -3.63 15.25
N ASP A 154 -33.36 -4.34 16.17
CA ASP A 154 -32.51 -3.68 17.16
C ASP A 154 -31.41 -2.90 16.46
N GLY A 155 -30.70 -3.57 15.57
CA GLY A 155 -29.64 -2.90 14.83
C GLY A 155 -30.13 -1.64 14.14
N LEU A 156 -31.21 -1.80 13.39
CA LEU A 156 -31.82 -0.70 12.64
C LEU A 156 -32.14 0.46 13.57
N ASP A 157 -32.92 0.16 14.59
CA ASP A 157 -33.33 1.15 15.56
C ASP A 157 -32.18 1.91 16.24
N ARG A 158 -31.16 1.20 16.73
CA ARG A 158 -30.05 1.87 17.40
C ARG A 158 -29.20 2.67 16.40
N THR A 159 -28.96 2.07 15.24
CA THR A 159 -28.15 2.71 14.20
C THR A 159 -28.83 3.95 13.64
N ALA A 160 -30.13 3.87 13.40
CA ALA A 160 -30.85 5.01 12.87
C ALA A 160 -30.83 6.08 13.96
N GLY A 161 -30.81 5.66 15.22
CA GLY A 161 -30.76 6.62 16.31
C GLY A 161 -29.42 7.33 16.38
N ALA A 162 -28.35 6.59 16.10
CA ALA A 162 -26.99 7.17 16.12
C ALA A 162 -26.85 8.20 15.01
N ILE A 163 -27.52 7.94 13.89
CA ILE A 163 -27.52 8.83 12.74
C ILE A 163 -28.23 10.16 13.06
N ARG A 164 -29.43 10.06 13.62
CA ARG A 164 -30.22 11.23 13.97
C ARG A 164 -29.49 12.09 14.98
N GLY A 165 -28.79 11.43 15.92
CA GLY A 165 -28.03 12.15 16.91
C GLY A 165 -26.86 12.90 16.30
N ARG A 166 -26.07 12.25 15.46
CA ARG A 166 -24.94 12.91 14.83
C ARG A 166 -25.40 14.02 13.85
N ALA A 167 -26.47 13.77 13.09
CA ALA A 167 -26.96 14.80 12.15
C ALA A 167 -27.48 16.00 12.94
N ALA A 168 -28.12 15.74 14.08
CA ALA A 168 -28.63 16.84 14.89
C ALA A 168 -27.46 17.59 15.48
N ARG A 169 -26.37 16.87 15.77
CA ARG A 169 -25.22 17.51 16.34
C ARG A 169 -24.57 18.40 15.28
N VAL A 170 -24.50 17.89 14.04
CA VAL A 170 -23.95 18.65 12.91
C VAL A 170 -24.78 19.93 12.72
N ILE A 171 -26.09 19.75 12.67
CA ILE A 171 -27.00 20.86 12.48
C ILE A 171 -26.81 21.94 13.54
N HIS A 172 -26.64 21.55 14.79
CA HIS A 172 -26.45 22.52 15.86
C HIS A 172 -25.06 23.19 15.81
N VAL A 173 -24.01 22.39 15.66
CA VAL A 173 -22.66 22.93 15.61
C VAL A 173 -22.42 23.90 14.45
N VAL A 174 -22.99 23.60 13.29
CA VAL A 174 -22.76 24.46 12.14
C VAL A 174 -23.60 25.72 12.16
N THR A 175 -24.89 25.59 12.48
CA THR A 175 -25.79 26.72 12.58
C THR A 175 -25.24 27.68 13.62
N SER A 176 -24.78 27.10 14.71
CA SER A 176 -24.20 27.85 15.82
C SER A 176 -22.94 28.57 15.32
N GLU A 177 -22.12 27.84 14.58
CA GLU A 177 -20.89 28.35 14.00
C GLU A 177 -21.17 29.55 13.08
N MSE A 178 -22.19 29.43 12.24
CA MSE A 178 -22.53 30.52 11.33
C MSE A 178 -22.87 31.80 12.10
O MSE A 178 -22.71 32.91 11.55
CB MSE A 178 -23.74 30.13 10.47
CG MSE A 178 -23.48 28.94 9.59
SE MSE A 178 -22.01 29.40 8.42
CE MSE A 178 -20.50 28.54 9.37
N ASP A 179 -23.32 31.64 13.34
CA ASP A 179 -23.67 32.80 14.18
C ASP A 179 -22.48 33.73 14.41
N ASN A 180 -21.27 33.18 14.30
CA ASN A 180 -20.06 33.95 14.52
C ASN A 180 -19.63 34.73 13.32
N TYR A 181 -20.22 34.45 12.17
CA TYR A 181 -19.83 35.15 10.97
C TYR A 181 -20.76 36.30 10.66
N GLU A 182 -20.29 37.19 9.78
CA GLU A 182 -21.07 38.32 9.34
C GLU A 182 -21.97 37.68 8.29
N PRO A 183 -23.29 37.87 8.39
CA PRO A 183 -24.21 37.27 7.42
C PRO A 183 -23.80 37.61 5.99
N GLY A 184 -23.89 36.64 5.08
CA GLY A 184 -23.52 36.91 3.70
C GLY A 184 -24.00 35.80 2.79
N VAL A 185 -23.41 35.68 1.60
CA VAL A 185 -23.80 34.62 0.67
C VAL A 185 -23.31 33.29 1.25
N TYR A 186 -22.07 33.31 1.74
CA TYR A 186 -21.44 32.14 2.35
C TYR A 186 -22.36 31.53 3.41
N THR A 187 -22.59 32.26 4.49
CA THR A 187 -23.43 31.78 5.58
C THR A 187 -24.85 31.33 5.14
N GLU A 188 -25.54 32.17 4.38
CA GLU A 188 -26.90 31.82 3.94
C GLU A 188 -26.92 30.49 3.18
N LYS A 189 -25.87 30.23 2.40
CA LYS A 189 -25.81 28.99 1.65
C LYS A 189 -25.59 27.81 2.64
N VAL A 190 -24.83 28.04 3.71
CA VAL A 190 -24.62 26.99 4.69
C VAL A 190 -25.93 26.71 5.43
N LEU A 191 -26.65 27.76 5.78
CA LEU A 191 -27.93 27.58 6.48
C LEU A 191 -28.99 26.92 5.62
N GLU A 192 -28.93 27.19 4.32
CA GLU A 192 -29.90 26.60 3.38
C GLU A 192 -29.69 25.08 3.44
N ALA A 193 -28.42 24.69 3.41
CA ALA A 193 -28.03 23.29 3.44
C ALA A 193 -28.38 22.60 4.76
N THR A 194 -28.26 23.30 5.88
CA THR A 194 -28.61 22.69 7.16
C THR A 194 -30.13 22.57 7.30
N LYS A 195 -30.85 23.58 6.83
CA LYS A 195 -32.30 23.54 6.93
C LYS A 195 -32.85 22.45 6.04
N LEU A 196 -32.15 22.17 4.95
CA LEU A 196 -32.63 21.15 4.05
C LEU A 196 -32.59 19.81 4.79
N LEU A 197 -31.49 19.61 5.54
CA LEU A 197 -31.29 18.39 6.32
C LEU A 197 -32.28 18.26 7.46
N SER A 198 -32.47 19.34 8.22
CA SER A 198 -33.36 19.27 9.38
C SER A 198 -34.84 19.35 9.06
N ASN A 199 -35.20 20.07 8.00
CA ASN A 199 -36.61 20.23 7.70
C ASN A 199 -37.20 19.23 6.75
N THR A 200 -36.39 18.69 5.86
CA THR A 200 -36.87 17.72 4.88
C THR A 200 -36.24 16.32 4.91
N VAL A 201 -34.92 16.25 4.87
CA VAL A 201 -34.24 14.95 4.85
C VAL A 201 -34.32 14.09 6.10
N MSE A 202 -34.08 14.64 7.28
CA MSE A 202 -34.15 13.83 8.50
C MSE A 202 -35.56 13.29 8.74
O MSE A 202 -35.77 12.10 9.02
CB MSE A 202 -33.72 14.63 9.75
CG MSE A 202 -32.24 14.91 9.92
SE MSE A 202 -31.17 13.34 9.41
CE MSE A 202 -31.78 12.04 10.76
N PRO A 203 -36.57 14.17 8.65
CA PRO A 203 -37.96 13.71 8.87
C PRO A 203 -38.31 12.49 8.02
N ARG A 204 -38.07 12.57 6.72
CA ARG A 204 -38.36 11.46 5.83
C ARG A 204 -37.56 10.21 6.21
N PHE A 205 -36.35 10.42 6.71
CA PHE A 205 -35.52 9.28 7.10
C PHE A 205 -36.16 8.57 8.30
N THR A 206 -36.52 9.35 9.31
CA THR A 206 -37.15 8.83 10.52
C THR A 206 -38.46 8.13 10.14
N GLU A 207 -39.14 8.72 9.17
CA GLU A 207 -40.41 8.23 8.64
C GLU A 207 -40.15 6.83 8.09
N GLN A 208 -39.05 6.68 7.36
CA GLN A 208 -38.69 5.40 6.76
C GLN A 208 -38.33 4.39 7.84
N VAL A 209 -37.55 4.84 8.81
CA VAL A 209 -37.14 3.94 9.88
C VAL A 209 -38.35 3.39 10.63
N GLU A 210 -39.20 4.28 11.15
CA GLU A 210 -40.37 3.86 11.91
C GLU A 210 -41.22 2.87 11.11
N ALA A 211 -41.39 3.12 9.81
CA ALA A 211 -42.16 2.21 8.93
C ALA A 211 -41.46 0.86 8.80
N ALA A 212 -40.14 0.86 8.68
CA ALA A 212 -39.37 -0.37 8.55
C ALA A 212 -39.48 -1.15 9.85
N VAL A 213 -39.38 -0.45 10.97
CA VAL A 213 -39.51 -1.08 12.27
C VAL A 213 -40.98 -1.46 12.47
N GLU A 214 -41.84 -0.92 11.62
CA GLU A 214 -43.27 -1.18 11.70
C GLU A 214 -43.53 -2.55 11.08
N ALA A 215 -43.23 -2.69 9.80
CA ALA A 215 -43.44 -3.95 9.12
C ALA A 215 -42.79 -5.05 9.94
N LEU A 216 -41.45 -5.06 9.93
CA LEU A 216 -40.69 -6.07 10.65
C LEU A 216 -41.36 -6.64 11.89
N SER A 217 -41.67 -5.80 12.86
CA SER A 217 -42.31 -6.27 14.08
C SER A 217 -43.83 -6.41 13.96
N SER A 218 -44.28 -6.83 12.78
CA SER A 218 -45.70 -7.04 12.49
C SER A 218 -45.86 -8.06 11.35
N ASP A 219 -47.10 -8.43 11.07
CA ASP A 219 -47.40 -9.40 10.02
C ASP A 219 -47.08 -8.80 8.64
N MSE A 224 -41.46 -4.39 2.90
CA MSE A 224 -41.60 -3.03 2.42
C MSE A 224 -40.60 -2.74 1.31
O MSE A 224 -39.84 -3.62 0.88
CB MSE A 224 -41.43 -2.01 3.56
CG MSE A 224 -39.97 -1.72 3.97
SE MSE A 224 -38.99 -3.25 4.69
CE MSE A 224 -39.29 -2.98 6.59
N ASP A 225 -40.57 -1.49 0.85
CA ASP A 225 -39.67 -1.08 -0.20
C ASP A 225 -38.27 -0.91 0.41
N GLU A 226 -37.39 -1.84 0.09
CA GLU A 226 -36.01 -1.83 0.55
C GLU A 226 -35.23 -0.69 -0.12
N ASN A 227 -35.49 -0.47 -1.41
CA ASN A 227 -34.81 0.57 -2.18
C ASN A 227 -35.17 1.98 -1.68
N GLU A 228 -36.36 2.11 -1.11
CA GLU A 228 -36.85 3.38 -0.59
C GLU A 228 -36.01 3.76 0.64
N PHE A 229 -35.84 2.80 1.53
CA PHE A 229 -35.06 3.04 2.72
C PHE A 229 -33.66 3.47 2.31
N ILE A 230 -33.04 2.68 1.43
CA ILE A 230 -31.70 2.94 0.94
C ILE A 230 -31.56 4.34 0.36
N ASP A 231 -32.60 4.81 -0.31
CA ASP A 231 -32.58 6.16 -0.90
C ASP A 231 -32.69 7.20 0.21
N ALA A 232 -33.64 7.00 1.11
CA ALA A 232 -33.83 7.92 2.23
C ALA A 232 -32.55 8.04 3.04
N SER A 233 -31.93 6.89 3.32
CA SER A 233 -30.73 6.89 4.13
C SER A 233 -29.59 7.58 3.39
N ARG A 234 -29.33 7.17 2.16
CA ARG A 234 -28.26 7.79 1.40
C ARG A 234 -28.42 9.32 1.38
N LEU A 235 -29.67 9.77 1.36
CA LEU A 235 -29.97 11.19 1.34
C LEU A 235 -29.42 11.89 2.58
N VAL A 236 -29.48 11.22 3.73
CA VAL A 236 -28.96 11.78 4.98
C VAL A 236 -27.48 12.06 4.78
N TYR A 237 -26.78 11.12 4.15
CA TYR A 237 -25.36 11.32 3.90
C TYR A 237 -25.12 12.50 2.95
N ASP A 238 -25.94 12.62 1.90
CA ASP A 238 -25.79 13.71 0.93
C ASP A 238 -26.00 15.08 1.56
N GLY A 239 -26.95 15.18 2.49
CA GLY A 239 -27.19 16.45 3.13
C GLY A 239 -26.00 16.86 3.99
N ILE A 240 -25.33 15.87 4.58
CA ILE A 240 -24.16 16.12 5.43
C ILE A 240 -22.98 16.59 4.59
N ARG A 241 -22.79 15.94 3.45
CA ARG A 241 -21.71 16.28 2.52
C ARG A 241 -21.97 17.67 1.95
N ASP A 242 -23.24 17.99 1.67
CA ASP A 242 -23.58 19.31 1.13
C ASP A 242 -23.28 20.38 2.17
N ILE A 243 -23.56 20.08 3.44
CA ILE A 243 -23.27 21.05 4.48
C ILE A 243 -21.75 21.23 4.52
N ARG A 244 -21.00 20.14 4.56
CA ARG A 244 -19.55 20.27 4.61
C ARG A 244 -19.04 21.10 3.43
N LYS A 245 -19.38 20.71 2.21
CA LYS A 245 -18.93 21.47 1.07
C LYS A 245 -19.28 22.96 1.18
N ALA A 246 -20.52 23.27 1.57
CA ALA A 246 -20.93 24.66 1.71
C ALA A 246 -20.03 25.38 2.71
N VAL A 247 -19.67 24.70 3.80
CA VAL A 247 -18.81 25.29 4.81
C VAL A 247 -17.36 25.48 4.34
N LEU A 248 -16.96 24.75 3.30
CA LEU A 248 -15.61 24.89 2.77
C LEU A 248 -15.45 26.07 1.82
N MSE A 249 -16.54 26.78 1.55
CA MSE A 249 -16.50 27.93 0.66
C MSE A 249 -15.98 29.21 1.34
O MSE A 249 -15.47 29.17 2.49
CB MSE A 249 -17.88 28.19 0.07
CG MSE A 249 -18.46 27.04 -0.75
SE MSE A 249 -17.42 26.62 -2.35
CE MSE A 249 -18.50 27.61 -3.65
N SER B 9 -9.44 -17.90 -0.44
CA SER B 9 -8.22 -17.61 0.38
C SER B 9 -7.34 -16.57 -0.32
N ASP B 10 -7.22 -15.39 0.29
CA ASP B 10 -6.40 -14.32 -0.28
C ASP B 10 -5.00 -14.28 0.31
N SER B 11 -4.02 -14.55 -0.53
CA SER B 11 -2.64 -14.57 -0.10
C SER B 11 -1.82 -13.39 -0.63
N PHE B 12 -2.45 -12.21 -0.73
CA PHE B 12 -1.76 -11.00 -1.21
C PHE B 12 -2.30 -9.71 -0.59
N LEU B 13 -1.39 -8.78 -0.29
CA LEU B 13 -1.75 -7.49 0.30
C LEU B 13 -2.48 -6.65 -0.73
N GLU B 14 -1.80 -6.38 -1.84
CA GLU B 14 -2.37 -5.58 -2.90
C GLU B 14 -3.12 -6.48 -3.87
N THR B 15 -4.40 -6.19 -4.11
CA THR B 15 -5.19 -7.03 -5.00
C THR B 15 -6.61 -6.50 -5.18
N ASN B 16 -7.21 -6.75 -6.35
CA ASN B 16 -8.57 -6.24 -6.55
C ASN B 16 -9.65 -7.29 -6.40
N VAL B 17 -9.26 -8.47 -5.92
CA VAL B 17 -10.20 -9.56 -5.73
C VAL B 17 -11.30 -9.27 -4.71
N PRO B 18 -10.93 -8.64 -3.57
CA PRO B 18 -11.98 -8.34 -2.59
C PRO B 18 -13.05 -7.45 -3.20
N LEU B 19 -12.61 -6.43 -3.93
CA LEU B 19 -13.52 -5.49 -4.58
C LEU B 19 -14.32 -6.12 -5.72
N LEU B 20 -13.67 -6.93 -6.56
CA LEU B 20 -14.35 -7.57 -7.68
C LEU B 20 -15.35 -8.63 -7.21
N VAL B 21 -15.00 -9.33 -6.15
CA VAL B 21 -15.88 -10.35 -5.60
C VAL B 21 -17.11 -9.68 -4.98
N LEU B 22 -16.91 -8.51 -4.37
CA LEU B 22 -17.98 -7.75 -3.73
C LEU B 22 -18.94 -7.32 -4.82
N ILE B 23 -18.41 -6.63 -5.82
CA ILE B 23 -19.23 -6.18 -6.94
C ILE B 23 -19.95 -7.37 -7.61
N GLU B 24 -19.28 -8.49 -7.76
CA GLU B 24 -19.91 -9.63 -8.40
C GLU B 24 -21.07 -10.10 -7.54
N ALA B 25 -20.86 -10.19 -6.24
CA ALA B 25 -21.92 -10.61 -5.34
C ALA B 25 -23.07 -9.62 -5.39
N ALA B 26 -22.75 -8.38 -5.75
CA ALA B 26 -23.74 -7.31 -5.82
C ALA B 26 -24.58 -7.45 -7.09
N LYS B 27 -23.89 -7.75 -8.19
CA LYS B 27 -24.56 -7.92 -9.48
C LYS B 27 -25.53 -9.09 -9.44
N ASN B 28 -25.21 -10.10 -8.65
CA ASN B 28 -26.07 -11.28 -8.54
C ASN B 28 -27.06 -11.15 -7.39
N GLY B 29 -27.28 -9.91 -6.96
CA GLY B 29 -28.22 -9.61 -5.89
C GLY B 29 -28.08 -10.41 -4.61
N ASN B 30 -26.90 -11.01 -4.39
CA ASN B 30 -26.69 -11.78 -3.16
C ASN B 30 -26.36 -10.82 -2.00
N GLU B 31 -27.40 -10.38 -1.30
CA GLU B 31 -27.21 -9.45 -0.21
C GLU B 31 -26.45 -10.06 0.94
N LYS B 32 -26.68 -11.34 1.19
CA LYS B 32 -25.99 -12.01 2.29
C LYS B 32 -24.50 -12.11 1.98
N GLU B 33 -24.16 -12.18 0.68
CA GLU B 33 -22.75 -12.27 0.32
C GLU B 33 -22.13 -10.89 0.28
N VAL B 34 -22.92 -9.88 -0.06
CA VAL B 34 -22.41 -8.52 -0.09
C VAL B 34 -21.92 -8.14 1.32
N LYS B 35 -22.68 -8.53 2.34
CA LYS B 35 -22.30 -8.21 3.71
C LYS B 35 -20.94 -8.83 4.05
N GLU B 36 -20.80 -10.10 3.71
CA GLU B 36 -19.55 -10.85 3.95
C GLU B 36 -18.38 -10.11 3.30
N TYR B 37 -18.45 -10.01 1.98
CA TYR B 37 -17.43 -9.37 1.18
C TYR B 37 -17.19 -7.91 1.54
N ALA B 38 -18.21 -7.26 2.07
CA ALA B 38 -18.04 -5.86 2.43
C ALA B 38 -17.07 -5.83 3.60
N GLN B 39 -17.17 -6.83 4.48
CA GLN B 39 -16.29 -6.87 5.64
C GLN B 39 -14.86 -7.21 5.25
N VAL B 40 -14.70 -8.08 4.27
CA VAL B 40 -13.36 -8.46 3.81
C VAL B 40 -12.75 -7.28 3.06
N PHE B 41 -13.58 -6.55 2.31
CA PHE B 41 -13.09 -5.41 1.55
C PHE B 41 -12.56 -4.33 2.50
N ARG B 42 -13.27 -4.15 3.61
CA ARG B 42 -12.84 -3.15 4.60
C ARG B 42 -11.51 -3.59 5.24
N GLU B 43 -11.36 -4.89 5.52
CA GLU B 43 -10.13 -5.40 6.12
C GLU B 43 -8.98 -5.22 5.11
N HIS B 44 -9.31 -5.35 3.82
CA HIS B 44 -8.34 -5.17 2.77
C HIS B 44 -7.92 -3.70 2.77
N ALA B 45 -8.90 -2.79 2.85
CA ALA B 45 -8.58 -1.37 2.86
C ALA B 45 -7.68 -1.08 4.07
N ASN B 46 -8.09 -1.51 5.27
CA ASN B 46 -7.29 -1.28 6.46
C ASN B 46 -5.84 -1.72 6.31
N LYS B 47 -5.63 -2.84 5.63
CA LYS B 47 -4.28 -3.35 5.43
C LYS B 47 -3.47 -2.37 4.62
N LEU B 48 -4.06 -1.91 3.52
CA LEU B 48 -3.40 -0.94 2.64
C LEU B 48 -3.06 0.32 3.44
N ILE B 49 -3.99 0.77 4.27
CA ILE B 49 -3.77 1.98 5.06
C ILE B 49 -2.71 1.82 6.14
N GLU B 50 -2.66 0.64 6.76
CA GLU B 50 -1.67 0.40 7.80
C GLU B 50 -0.28 0.45 7.16
N VAL B 51 -0.13 -0.23 6.02
CA VAL B 51 1.14 -0.24 5.31
C VAL B 51 1.60 1.18 4.97
N ALA B 52 0.66 2.04 4.59
CA ALA B 52 1.00 3.42 4.25
C ALA B 52 1.42 4.17 5.53
N ASN B 53 0.73 3.89 6.63
CA ASN B 53 1.05 4.53 7.90
C ASN B 53 2.49 4.21 8.32
N LEU B 54 2.88 2.95 8.17
CA LEU B 54 4.23 2.58 8.55
C LEU B 54 5.24 3.33 7.67
N ALA B 55 5.01 3.31 6.36
CA ALA B 55 5.90 3.99 5.41
C ALA B 55 6.13 5.45 5.80
N CYS B 56 5.06 6.16 6.14
CA CYS B 56 5.18 7.56 6.53
C CYS B 56 5.91 7.61 7.88
N SER B 57 5.51 6.71 8.75
CA SER B 57 6.07 6.59 10.09
C SER B 57 7.59 6.53 10.07
N ILE B 58 8.14 5.66 9.22
CA ILE B 58 9.59 5.44 9.13
C ILE B 58 10.35 6.17 8.02
N SER B 59 9.65 6.97 7.22
CA SER B 59 10.33 7.69 6.15
C SER B 59 10.76 9.06 6.60
N ASN B 60 11.79 9.59 5.95
CA ASN B 60 12.31 10.92 6.27
C ASN B 60 12.02 11.84 5.08
N ASN B 61 11.27 11.32 4.12
CA ASN B 61 10.91 12.07 2.91
C ASN B 61 9.65 12.90 3.18
N GLU B 62 9.83 14.07 3.79
CA GLU B 62 8.69 14.94 4.13
C GLU B 62 7.67 15.17 3.02
N GLU B 63 8.14 15.40 1.80
CA GLU B 63 7.21 15.65 0.71
C GLU B 63 6.50 14.36 0.29
N GLY B 64 7.28 13.36 -0.09
CA GLY B 64 6.70 12.10 -0.51
C GLY B 64 5.73 11.52 0.53
N VAL B 65 6.04 11.77 1.80
CA VAL B 65 5.21 11.29 2.91
C VAL B 65 3.86 11.99 2.89
N LYS B 66 3.88 13.27 2.55
CA LYS B 66 2.69 14.10 2.47
C LYS B 66 1.74 13.51 1.44
N LEU B 67 2.31 12.93 0.40
CA LEU B 67 1.53 12.34 -0.67
C LEU B 67 0.96 10.98 -0.26
N VAL B 68 1.70 10.23 0.54
CA VAL B 68 1.18 8.93 0.95
C VAL B 68 -0.01 9.21 1.87
N ARG B 69 0.19 10.10 2.84
CA ARG B 69 -0.87 10.44 3.79
C ARG B 69 -2.13 10.99 3.10
N MSE B 70 -1.94 11.96 2.21
CA MSE B 70 -3.06 12.55 1.50
C MSE B 70 -3.82 11.42 0.79
O MSE B 70 -5.05 11.40 0.73
CB MSE B 70 -2.52 13.58 0.48
CG MSE B 70 -3.58 14.38 -0.31
SE MSE B 70 -2.74 15.86 -1.36
CE MSE B 70 -2.58 14.98 -3.10
N SER B 71 -3.06 10.47 0.25
CA SER B 71 -3.68 9.38 -0.47
C SER B 71 -4.35 8.28 0.38
N ALA B 72 -3.81 8.00 1.55
CA ALA B 72 -4.41 6.95 2.38
C ALA B 72 -5.70 7.50 2.95
N SER B 73 -5.67 8.80 3.21
CA SER B 73 -6.80 9.52 3.76
C SER B 73 -7.97 9.51 2.75
N GLN B 74 -7.64 9.60 1.47
CA GLN B 74 -8.67 9.58 0.43
C GLN B 74 -9.23 8.15 0.36
N LEU B 75 -8.34 7.16 0.35
CA LEU B 75 -8.75 5.77 0.31
C LEU B 75 -9.62 5.48 1.53
N GLU B 76 -9.20 5.96 2.69
CA GLU B 76 -9.97 5.72 3.91
C GLU B 76 -11.40 6.25 3.76
N ALA B 77 -11.55 7.47 3.28
CA ALA B 77 -12.88 8.08 3.10
C ALA B 77 -13.72 7.42 2.01
N LEU B 78 -13.04 6.79 1.06
CA LEU B 78 -13.70 6.16 -0.07
C LEU B 78 -14.32 4.79 0.26
N CYS B 79 -13.68 4.09 1.18
CA CYS B 79 -14.12 2.75 1.58
C CYS B 79 -15.64 2.60 1.86
N PRO B 80 -16.21 3.42 2.76
CA PRO B 80 -17.65 3.28 3.04
C PRO B 80 -18.52 3.56 1.81
N GLN B 81 -18.04 4.41 0.92
CA GLN B 81 -18.80 4.74 -0.27
C GLN B 81 -18.83 3.55 -1.23
N VAL B 82 -17.69 2.87 -1.37
CA VAL B 82 -17.68 1.70 -2.24
C VAL B 82 -18.66 0.65 -1.69
N ILE B 83 -18.68 0.50 -0.37
CA ILE B 83 -19.58 -0.46 0.25
C ILE B 83 -21.07 -0.08 0.10
N ASN B 84 -21.35 1.21 0.21
CA ASN B 84 -22.71 1.68 0.07
C ASN B 84 -23.17 1.49 -1.37
N ALA B 85 -22.29 1.77 -2.33
CA ALA B 85 -22.66 1.61 -3.73
C ALA B 85 -23.04 0.15 -3.98
N ALA B 86 -22.32 -0.77 -3.34
CA ALA B 86 -22.57 -2.19 -3.48
C ALA B 86 -23.94 -2.52 -2.92
N LEU B 87 -24.18 -2.16 -1.67
CA LEU B 87 -25.46 -2.45 -1.03
C LEU B 87 -26.60 -1.99 -1.95
N ALA B 88 -26.45 -0.80 -2.52
CA ALA B 88 -27.45 -0.22 -3.41
C ALA B 88 -27.62 -1.10 -4.64
N LEU B 89 -26.50 -1.60 -5.18
CA LEU B 89 -26.57 -2.46 -6.36
C LEU B 89 -27.12 -3.83 -6.01
N ALA B 90 -26.84 -4.30 -4.80
CA ALA B 90 -27.32 -5.61 -4.38
C ALA B 90 -28.82 -5.62 -4.13
N ALA B 91 -29.44 -4.45 -4.20
CA ALA B 91 -30.87 -4.33 -3.97
C ALA B 91 -31.64 -4.03 -5.27
N LYS B 92 -30.93 -3.54 -6.27
CA LYS B 92 -31.55 -3.25 -7.56
C LYS B 92 -30.53 -3.54 -8.66
N PRO B 93 -30.09 -4.82 -8.75
CA PRO B 93 -29.10 -5.33 -9.70
C PRO B 93 -29.29 -4.88 -11.15
N GLN B 94 -30.53 -4.68 -11.56
CA GLN B 94 -30.81 -4.29 -12.94
C GLN B 94 -30.78 -2.80 -13.22
N SER B 95 -30.86 -1.97 -12.19
CA SER B 95 -30.81 -0.54 -12.41
C SER B 95 -29.50 -0.17 -13.10
N LYS B 96 -29.60 0.39 -14.30
CA LYS B 96 -28.41 0.83 -15.04
C LYS B 96 -27.72 1.93 -14.24
N LEU B 97 -28.51 2.69 -13.50
CA LEU B 97 -27.99 3.78 -12.69
C LEU B 97 -27.14 3.22 -11.54
N ALA B 98 -27.64 2.16 -10.91
CA ALA B 98 -26.93 1.52 -9.81
C ALA B 98 -25.69 0.83 -10.35
N GLN B 99 -25.79 0.31 -11.57
CA GLN B 99 -24.68 -0.38 -12.23
C GLN B 99 -23.61 0.61 -12.60
N GLU B 100 -24.04 1.82 -12.95
CA GLU B 100 -23.11 2.87 -13.31
C GLU B 100 -22.52 3.48 -12.05
N ASN B 101 -23.28 3.48 -10.97
CA ASN B 101 -22.76 4.05 -9.73
C ASN B 101 -21.66 3.14 -9.23
N MSE B 102 -21.88 1.84 -9.36
CA MSE B 102 -20.87 0.90 -8.92
C MSE B 102 -19.62 1.00 -9.81
O MSE B 102 -18.50 0.86 -9.32
CB MSE B 102 -21.44 -0.52 -8.95
CG MSE B 102 -20.49 -1.57 -8.37
SE MSE B 102 -20.50 -1.52 -6.42
CE MSE B 102 -18.89 -0.42 -6.13
N ASP B 103 -19.80 1.24 -11.11
CA ASP B 103 -18.62 1.33 -11.98
C ASP B 103 -17.80 2.56 -11.65
N LEU B 104 -18.47 3.67 -11.38
CA LEU B 104 -17.78 4.89 -11.03
C LEU B 104 -16.89 4.66 -9.80
N PHE B 105 -17.45 4.06 -8.76
CA PHE B 105 -16.68 3.84 -7.55
C PHE B 105 -15.56 2.83 -7.69
N LYS B 106 -15.78 1.78 -8.46
CA LYS B 106 -14.73 0.79 -8.66
C LYS B 106 -13.52 1.46 -9.28
N GLU B 107 -13.77 2.33 -10.26
CA GLU B 107 -12.72 3.02 -10.96
C GLU B 107 -12.03 4.02 -10.06
N GLN B 108 -12.81 4.75 -9.27
CA GLN B 108 -12.28 5.74 -8.34
C GLN B 108 -11.43 5.05 -7.25
N TRP B 109 -11.85 3.84 -6.87
CA TRP B 109 -11.12 3.07 -5.85
C TRP B 109 -9.78 2.60 -6.39
N GLU B 110 -9.82 1.89 -7.51
CA GLU B 110 -8.61 1.35 -8.13
C GLU B 110 -7.63 2.47 -8.51
N LYS B 111 -8.18 3.62 -8.88
CA LYS B 111 -7.36 4.76 -9.25
C LYS B 111 -6.65 5.34 -8.01
N GLN B 112 -7.36 5.32 -6.88
CA GLN B 112 -6.80 5.85 -5.63
C GLN B 112 -5.81 4.87 -5.01
N VAL B 113 -6.05 3.56 -5.20
CA VAL B 113 -5.13 2.57 -4.66
C VAL B 113 -3.82 2.63 -5.44
N ARG B 114 -3.89 3.01 -6.72
CA ARG B 114 -2.67 3.07 -7.50
C ARG B 114 -1.89 4.32 -7.15
N VAL B 115 -2.60 5.40 -6.83
CA VAL B 115 -1.92 6.64 -6.46
C VAL B 115 -1.13 6.31 -5.20
N LEU B 116 -1.79 5.66 -4.24
CA LEU B 116 -1.15 5.29 -2.99
C LEU B 116 0.05 4.37 -3.19
N THR B 117 -0.15 3.30 -3.95
CA THR B 117 0.93 2.36 -4.23
C THR B 117 2.12 3.05 -4.89
N ASP B 118 1.84 3.98 -5.81
CA ASP B 118 2.91 4.70 -6.50
C ASP B 118 3.62 5.61 -5.51
N ALA B 119 2.87 6.18 -4.57
CA ALA B 119 3.43 7.07 -3.57
C ALA B 119 4.36 6.32 -2.60
N VAL B 120 3.92 5.16 -2.15
CA VAL B 120 4.73 4.36 -1.24
C VAL B 120 5.95 3.84 -1.98
N ASP B 121 5.80 3.64 -3.30
CA ASP B 121 6.92 3.17 -4.11
C ASP B 121 7.95 4.28 -4.25
N ASP B 122 7.48 5.52 -4.38
CA ASP B 122 8.38 6.66 -4.54
C ASP B 122 9.35 6.86 -3.38
N ILE B 123 9.04 6.28 -2.22
CA ILE B 123 9.91 6.45 -1.06
C ILE B 123 10.46 5.12 -0.56
N THR B 124 10.18 4.05 -1.31
CA THR B 124 10.66 2.73 -0.93
C THR B 124 12.06 2.45 -1.50
N SER B 125 12.31 2.90 -2.72
CA SER B 125 13.62 2.69 -3.33
C SER B 125 13.78 3.47 -4.64
N ILE B 126 15.02 3.79 -4.98
CA ILE B 126 15.28 4.55 -6.19
C ILE B 126 14.82 3.74 -7.42
N ASP B 127 15.04 2.43 -7.39
CA ASP B 127 14.63 1.59 -8.51
C ASP B 127 13.12 1.75 -8.72
N ASP B 128 12.36 1.54 -7.65
CA ASP B 128 10.91 1.67 -7.65
C ASP B 128 10.49 3.05 -8.16
N PHE B 129 11.21 4.08 -7.72
CA PHE B 129 10.93 5.46 -8.10
C PHE B 129 10.96 5.66 -9.61
N LEU B 130 11.94 5.06 -10.27
CA LEU B 130 12.07 5.20 -11.71
C LEU B 130 10.99 4.43 -12.44
N ALA B 131 10.61 3.27 -11.89
CA ALA B 131 9.56 2.44 -12.49
C ALA B 131 8.27 3.25 -12.60
N VAL B 132 7.91 3.88 -11.48
CA VAL B 132 6.73 4.71 -11.41
C VAL B 132 6.91 5.88 -12.38
N SER B 133 8.04 6.58 -12.22
CA SER B 133 8.38 7.72 -13.07
C SER B 133 8.20 7.41 -14.55
N GLU B 134 8.69 6.24 -14.95
CA GLU B 134 8.59 5.79 -16.34
C GLU B 134 7.12 5.72 -16.75
N ASN B 135 6.28 5.15 -15.88
CA ASN B 135 4.86 5.04 -16.19
C ASN B 135 4.25 6.43 -16.41
N HIS B 136 4.30 7.28 -15.39
CA HIS B 136 3.73 8.61 -15.47
C HIS B 136 4.23 9.39 -16.69
N ILE B 137 5.53 9.36 -16.92
CA ILE B 137 6.09 10.06 -18.08
C ILE B 137 5.39 9.48 -19.31
N LEU B 138 5.28 8.16 -19.35
CA LEU B 138 4.64 7.48 -20.47
C LEU B 138 3.17 7.84 -20.63
N GLU B 139 2.43 7.93 -19.54
CA GLU B 139 1.02 8.26 -19.65
C GLU B 139 0.80 9.73 -19.99
N ASP B 140 1.62 10.61 -19.41
CA ASP B 140 1.49 12.03 -19.67
C ASP B 140 1.92 12.46 -21.07
N VAL B 141 2.63 11.58 -21.77
CA VAL B 141 3.07 11.87 -23.13
C VAL B 141 1.96 11.45 -24.09
N ASN B 142 1.23 10.40 -23.72
CA ASN B 142 0.13 9.90 -24.55
C ASN B 142 -1.09 10.81 -24.50
N LYS B 143 -1.23 11.56 -23.40
CA LYS B 143 -2.33 12.50 -23.24
C LYS B 143 -1.86 13.83 -23.83
N CYS B 144 -0.54 13.94 -23.98
CA CYS B 144 0.09 15.13 -24.53
C CYS B 144 -0.02 15.03 -26.05
N VAL B 145 0.14 13.80 -26.55
CA VAL B 145 0.06 13.51 -27.97
C VAL B 145 -1.39 13.69 -28.45
N ILE B 146 -2.30 12.94 -27.83
CA ILE B 146 -3.71 13.00 -28.20
C ILE B 146 -4.30 14.38 -27.99
N ALA B 147 -3.78 15.13 -27.01
CA ALA B 147 -4.26 16.49 -26.76
C ALA B 147 -3.94 17.35 -27.97
N LEU B 148 -2.70 17.25 -28.44
CA LEU B 148 -2.24 18.01 -29.61
C LEU B 148 -3.13 17.70 -30.81
N GLN B 149 -3.61 16.46 -30.87
CA GLN B 149 -4.46 16.03 -31.97
C GLN B 149 -5.84 16.65 -31.87
N GLU B 150 -6.38 16.71 -30.65
CA GLU B 150 -7.70 17.29 -30.43
C GLU B 150 -7.62 18.82 -30.31
N LYS B 151 -6.39 19.35 -30.39
CA LYS B 151 -6.15 20.78 -30.27
C LYS B 151 -6.65 21.30 -28.93
N ASP B 152 -6.02 20.82 -27.85
CA ASP B 152 -6.37 21.21 -26.49
C ASP B 152 -5.22 21.99 -25.88
N VAL B 153 -5.16 23.29 -26.13
CA VAL B 153 -4.08 24.12 -25.59
C VAL B 153 -3.97 23.94 -24.08
N ASP B 154 -5.10 23.66 -23.43
CA ASP B 154 -5.10 23.46 -21.98
C ASP B 154 -4.39 22.17 -21.61
N GLY B 155 -4.93 21.04 -22.06
CA GLY B 155 -4.33 19.75 -21.78
C GLY B 155 -2.84 19.72 -22.06
N LEU B 156 -2.45 20.20 -23.24
CA LEU B 156 -1.04 20.23 -23.63
C LEU B 156 -0.18 20.80 -22.50
N ASP B 157 -0.48 22.06 -22.12
CA ASP B 157 0.25 22.73 -21.06
C ASP B 157 0.33 21.86 -19.81
N ARG B 158 -0.81 21.28 -19.42
CA ARG B 158 -0.88 20.43 -18.25
C ARG B 158 0.09 19.26 -18.38
N THR B 159 -0.26 18.32 -19.25
CA THR B 159 0.56 17.13 -19.49
C THR B 159 2.04 17.46 -19.71
N ALA B 160 2.31 18.50 -20.48
CA ALA B 160 3.70 18.89 -20.73
C ALA B 160 4.35 19.33 -19.43
N GLY B 161 3.60 20.12 -18.64
CA GLY B 161 4.11 20.59 -17.37
C GLY B 161 4.30 19.42 -16.42
N ALA B 162 3.60 18.32 -16.70
CA ALA B 162 3.69 17.12 -15.87
C ALA B 162 4.91 16.32 -16.30
N ILE B 163 5.06 16.13 -17.60
CA ILE B 163 6.19 15.39 -18.16
C ILE B 163 7.47 16.05 -17.70
N ARG B 164 7.51 17.36 -17.87
CA ARG B 164 8.68 18.13 -17.48
C ARG B 164 8.83 18.06 -15.96
N GLY B 165 7.70 17.99 -15.27
CA GLY B 165 7.72 17.93 -13.82
C GLY B 165 8.47 16.72 -13.28
N ARG B 166 8.03 15.52 -13.65
CA ARG B 166 8.68 14.29 -13.20
C ARG B 166 10.14 14.32 -13.60
N ALA B 167 10.38 14.49 -14.90
CA ALA B 167 11.73 14.52 -15.46
C ALA B 167 12.68 15.30 -14.56
N ALA B 168 12.24 16.46 -14.11
CA ALA B 168 13.06 17.29 -13.24
C ALA B 168 13.41 16.53 -11.99
N ARG B 169 12.39 15.97 -11.33
CA ARG B 169 12.62 15.21 -10.12
C ARG B 169 13.57 14.04 -10.40
N VAL B 170 13.30 13.30 -11.48
CA VAL B 170 14.13 12.16 -11.88
C VAL B 170 15.59 12.57 -12.05
N ILE B 171 15.81 13.65 -12.79
CA ILE B 171 17.16 14.16 -13.03
C ILE B 171 17.81 14.47 -11.67
N HIS B 172 17.14 15.28 -10.87
CA HIS B 172 17.64 15.66 -9.56
C HIS B 172 17.92 14.47 -8.66
N VAL B 173 16.89 13.65 -8.42
CA VAL B 173 17.03 12.48 -7.57
C VAL B 173 18.17 11.54 -7.99
N VAL B 174 18.10 10.99 -9.20
CA VAL B 174 19.14 10.08 -9.68
C VAL B 174 20.53 10.68 -9.52
N THR B 175 20.68 11.96 -9.87
CA THR B 175 21.98 12.63 -9.75
C THR B 175 22.28 12.91 -8.28
N SER B 176 21.24 13.24 -7.52
CA SER B 176 21.39 13.52 -6.09
C SER B 176 21.92 12.27 -5.39
N GLU B 177 21.51 11.10 -5.88
CA GLU B 177 21.95 9.83 -5.31
C GLU B 177 23.30 9.46 -5.89
N MSE B 178 23.37 9.47 -7.21
CA MSE B 178 24.58 9.11 -7.94
C MSE B 178 25.85 9.77 -7.39
O MSE B 178 26.96 9.40 -7.78
CB MSE B 178 24.42 9.45 -9.41
CG MSE B 178 25.24 8.58 -10.35
SE MSE B 178 24.75 6.72 -10.15
CE MSE B 178 26.00 6.19 -8.77
N ASP B 179 25.70 10.75 -6.51
CA ASP B 179 26.86 11.43 -5.95
C ASP B 179 27.57 10.51 -4.96
N ASN B 180 26.93 9.41 -4.61
CA ASN B 180 27.51 8.44 -3.68
C ASN B 180 28.14 7.27 -4.42
N GLY B 184 32.87 6.05 -10.05
CA GLY B 184 33.65 5.26 -10.99
C GLY B 184 33.04 5.12 -12.38
N VAL B 185 32.96 3.89 -12.86
CA VAL B 185 32.40 3.58 -14.18
C VAL B 185 30.88 3.56 -14.15
N TYR B 186 30.33 3.10 -13.03
CA TYR B 186 28.88 3.01 -12.85
C TYR B 186 28.32 4.42 -12.78
N THR B 187 28.87 5.22 -11.88
CA THR B 187 28.44 6.60 -11.70
C THR B 187 28.55 7.35 -13.02
N GLU B 188 29.27 6.76 -13.97
CA GLU B 188 29.47 7.38 -15.27
C GLU B 188 28.33 7.10 -16.25
N LYS B 189 28.08 5.83 -16.51
CA LYS B 189 27.02 5.43 -17.42
C LYS B 189 25.72 6.17 -17.05
N VAL B 190 25.44 6.26 -15.75
CA VAL B 190 24.25 6.92 -15.23
C VAL B 190 24.25 8.43 -15.50
N LEU B 191 25.15 9.14 -14.82
CA LEU B 191 25.28 10.59 -14.96
C LEU B 191 25.20 11.06 -16.42
N GLU B 192 25.68 10.24 -17.33
CA GLU B 192 25.63 10.60 -18.74
C GLU B 192 24.17 10.72 -19.16
N ALA B 193 23.42 9.63 -19.03
CA ALA B 193 22.01 9.61 -19.40
C ALA B 193 21.26 10.81 -18.85
N THR B 194 21.65 11.25 -17.66
CA THR B 194 21.02 12.38 -17.00
C THR B 194 21.10 13.68 -17.82
N LYS B 195 22.30 14.25 -17.89
CA LYS B 195 22.51 15.50 -18.61
C LYS B 195 21.91 15.48 -20.02
N LEU B 196 22.03 14.35 -20.70
CA LEU B 196 21.50 14.22 -22.05
C LEU B 196 20.07 14.71 -22.08
N LEU B 197 19.36 14.44 -20.98
CA LEU B 197 17.95 14.81 -20.83
C LEU B 197 17.73 16.29 -20.49
N SER B 198 18.29 16.72 -19.36
CA SER B 198 18.15 18.10 -18.89
C SER B 198 18.55 19.14 -19.93
N ASN B 199 19.65 18.87 -20.62
CA ASN B 199 20.19 19.80 -21.62
C ASN B 199 19.74 19.57 -23.06
N THR B 200 19.38 18.34 -23.40
CA THR B 200 18.97 18.05 -24.77
C THR B 200 17.53 17.56 -24.97
N VAL B 201 17.30 16.27 -24.71
CA VAL B 201 15.99 15.65 -24.88
C VAL B 201 14.79 16.47 -24.40
N MSE B 202 14.90 17.05 -23.21
CA MSE B 202 13.81 17.85 -22.65
C MSE B 202 13.64 19.21 -23.31
O MSE B 202 12.54 19.56 -23.76
CB MSE B 202 14.01 18.02 -21.14
CG MSE B 202 13.74 16.77 -20.31
SE MSE B 202 11.91 16.11 -20.48
CE MSE B 202 10.96 17.69 -19.90
N PRO B 203 14.71 20.02 -23.37
CA PRO B 203 14.61 21.34 -23.99
C PRO B 203 13.97 21.29 -25.37
N ARG B 204 14.38 20.29 -26.16
CA ARG B 204 13.85 20.12 -27.51
C ARG B 204 12.39 19.70 -27.52
N PHE B 205 11.90 19.24 -26.37
CA PHE B 205 10.50 18.82 -26.23
C PHE B 205 9.67 19.99 -25.72
N THR B 206 10.31 20.84 -24.93
CA THR B 206 9.65 22.02 -24.38
C THR B 206 9.39 23.04 -25.48
N GLU B 207 10.25 23.04 -26.50
CA GLU B 207 10.09 23.96 -27.62
C GLU B 207 8.98 23.47 -28.52
N GLN B 208 9.00 22.17 -28.81
CA GLN B 208 7.99 21.57 -29.67
C GLN B 208 6.59 21.88 -29.14
N VAL B 209 6.42 21.76 -27.83
CA VAL B 209 5.14 22.04 -27.20
C VAL B 209 4.85 23.53 -27.38
N GLU B 210 5.83 24.36 -27.06
CA GLU B 210 5.71 25.81 -27.17
C GLU B 210 5.24 26.23 -28.57
N ALA B 211 5.82 25.62 -29.59
CA ALA B 211 5.46 25.91 -30.97
C ALA B 211 3.99 25.54 -31.21
N ALA B 212 3.65 24.31 -30.87
CA ALA B 212 2.29 23.81 -31.04
C ALA B 212 1.34 24.47 -30.03
N VAL B 213 1.81 25.50 -29.34
CA VAL B 213 0.99 26.22 -28.36
C VAL B 213 0.19 27.32 -29.02
N GLU B 214 0.90 28.29 -29.59
CA GLU B 214 0.28 29.43 -30.26
C GLU B 214 -0.47 29.02 -31.54
N ALA B 215 -0.28 27.77 -31.96
CA ALA B 215 -0.94 27.26 -33.15
C ALA B 215 -2.42 26.98 -32.88
N ASP B 225 5.74 19.33 -38.71
CA ASP B 225 4.40 18.90 -38.33
C ASP B 225 4.36 18.18 -36.98
N GLU B 226 3.65 17.06 -36.92
CA GLU B 226 3.52 16.31 -35.68
C GLU B 226 4.73 15.41 -35.39
N ASN B 227 5.68 15.36 -36.31
CA ASN B 227 6.89 14.55 -36.12
C ASN B 227 7.78 15.21 -35.08
N GLU B 228 8.08 16.49 -35.31
CA GLU B 228 8.92 17.28 -34.43
C GLU B 228 8.46 17.08 -32.98
N PHE B 229 7.15 16.86 -32.84
CA PHE B 229 6.53 16.64 -31.53
C PHE B 229 6.46 15.16 -31.18
N ILE B 230 5.49 14.45 -31.75
CA ILE B 230 5.28 13.03 -31.49
C ILE B 230 6.59 12.26 -31.32
N ASP B 231 7.62 12.62 -32.08
CA ASP B 231 8.90 11.94 -32.01
C ASP B 231 9.84 12.50 -30.94
N ALA B 232 9.90 13.83 -30.81
CA ALA B 232 10.76 14.44 -29.81
C ALA B 232 10.25 14.07 -28.42
N SER B 233 8.93 14.02 -28.29
CA SER B 233 8.29 13.67 -27.00
C SER B 233 8.64 12.24 -26.63
N ARG B 234 8.56 11.33 -27.60
CA ARG B 234 8.88 9.94 -27.35
C ARG B 234 10.29 9.80 -26.79
N LEU B 235 11.20 10.64 -27.29
CA LEU B 235 12.58 10.61 -26.84
C LEU B 235 12.63 10.95 -25.35
N VAL B 236 11.67 11.77 -24.92
CA VAL B 236 11.57 12.17 -23.51
C VAL B 236 11.40 10.91 -22.66
N TYR B 237 10.58 9.99 -23.17
CA TYR B 237 10.32 8.72 -22.49
C TYR B 237 11.60 7.89 -22.51
N ASP B 238 12.10 7.62 -23.71
CA ASP B 238 13.32 6.83 -23.90
C ASP B 238 14.38 7.31 -22.94
N GLY B 239 14.49 8.64 -22.79
CA GLY B 239 15.48 9.22 -21.90
C GLY B 239 15.32 8.78 -20.45
N ILE B 240 14.11 8.91 -19.92
CA ILE B 240 13.84 8.52 -18.55
C ILE B 240 14.08 7.02 -18.39
N ARG B 241 13.71 6.25 -19.40
CA ARG B 241 13.88 4.80 -19.35
C ARG B 241 15.34 4.37 -19.33
N ASP B 242 16.19 5.07 -20.07
CA ASP B 242 17.59 4.72 -20.12
C ASP B 242 18.30 4.96 -18.78
N ILE B 243 18.08 6.12 -18.18
CA ILE B 243 18.71 6.42 -16.89
C ILE B 243 18.45 5.25 -15.93
N ARG B 244 17.18 4.89 -15.80
CA ARG B 244 16.79 3.79 -14.92
C ARG B 244 17.59 2.54 -15.20
N LYS B 245 17.81 2.25 -16.49
CA LYS B 245 18.55 1.07 -16.89
C LYS B 245 19.99 1.09 -16.37
N ALA B 246 20.72 2.15 -16.70
CA ALA B 246 22.10 2.27 -16.27
C ALA B 246 22.18 2.14 -14.75
N VAL B 247 21.24 2.80 -14.06
CA VAL B 247 21.17 2.78 -12.60
C VAL B 247 21.17 1.36 -12.05
N LEU B 248 20.25 0.55 -12.54
CA LEU B 248 20.11 -0.85 -12.10
C LEU B 248 21.43 -1.62 -12.03
N MSE B 249 22.22 -1.52 -13.10
CA MSE B 249 23.49 -2.25 -13.15
C MSE B 249 24.44 -1.83 -12.02
O MSE B 249 24.34 -2.42 -10.92
CB MSE B 249 24.16 -1.98 -14.50
CG MSE B 249 23.21 -2.08 -15.67
SE MSE B 249 24.09 -1.85 -17.38
CE MSE B 249 24.25 0.09 -17.43
N SER C 11 15.93 9.72 1.72
CA SER C 11 14.68 9.77 0.90
C SER C 11 14.16 8.40 0.46
N PHE C 12 14.84 7.32 0.84
CA PHE C 12 14.42 5.97 0.45
C PHE C 12 14.56 4.94 1.57
N LEU C 13 13.52 4.13 1.75
CA LEU C 13 13.54 3.07 2.76
C LEU C 13 14.72 2.18 2.45
N GLU C 14 14.65 1.49 1.32
CA GLU C 14 15.73 0.61 0.89
C GLU C 14 16.83 1.47 0.28
N THR C 15 18.05 1.35 0.81
CA THR C 15 19.17 2.14 0.31
C THR C 15 20.51 1.53 0.69
N ASN C 16 21.49 1.72 -0.19
CA ASN C 16 22.85 1.22 0.02
C ASN C 16 23.66 2.18 0.88
N VAL C 17 23.16 3.39 1.08
CA VAL C 17 23.87 4.41 1.86
C VAL C 17 24.38 4.02 3.25
N PRO C 18 23.49 3.88 4.25
CA PRO C 18 23.91 3.51 5.60
C PRO C 18 25.01 2.44 5.68
N LEU C 19 25.17 1.66 4.61
CA LEU C 19 26.19 0.61 4.56
C LEU C 19 27.53 1.22 4.11
N LEU C 20 27.55 1.70 2.87
CA LEU C 20 28.75 2.30 2.30
C LEU C 20 29.26 3.41 3.20
N VAL C 21 28.41 4.41 3.45
CA VAL C 21 28.77 5.53 4.31
C VAL C 21 29.44 5.03 5.59
N LEU C 22 29.13 3.79 5.97
CA LEU C 22 29.74 3.18 7.14
C LEU C 22 31.10 2.68 6.67
N ILE C 23 31.08 1.69 5.80
CA ILE C 23 32.30 1.10 5.27
C ILE C 23 33.35 2.14 4.88
N GLU C 24 32.93 3.27 4.32
CA GLU C 24 33.89 4.31 3.94
C GLU C 24 34.30 5.15 5.15
N ALA C 25 34.25 4.55 6.34
CA ALA C 25 34.64 5.23 7.57
C ALA C 25 35.44 4.24 8.40
N ALA C 26 35.31 2.96 8.09
CA ALA C 26 36.04 1.89 8.78
C ALA C 26 37.41 1.79 8.14
N LYS C 27 37.46 2.12 6.85
CA LYS C 27 38.70 2.10 6.09
C LYS C 27 39.64 3.18 6.62
N ASN C 28 39.07 4.18 7.30
CA ASN C 28 39.85 5.28 7.84
C ASN C 28 40.04 5.23 9.36
N GLY C 29 40.10 4.02 9.89
CA GLY C 29 40.29 3.78 11.31
C GLY C 29 39.76 4.76 12.35
N ASN C 30 38.69 5.49 12.02
CA ASN C 30 38.10 6.42 12.98
C ASN C 30 37.00 5.71 13.78
N GLU C 31 37.35 5.22 14.97
CA GLU C 31 36.38 4.53 15.81
C GLU C 31 35.11 5.37 15.98
N LYS C 32 35.27 6.63 16.36
CA LYS C 32 34.11 7.51 16.53
C LYS C 32 33.21 7.49 15.30
N GLU C 33 33.77 7.81 14.13
CA GLU C 33 33.01 7.80 12.89
C GLU C 33 32.27 6.47 12.76
N VAL C 34 33.01 5.40 12.50
CA VAL C 34 32.42 4.08 12.37
C VAL C 34 31.33 3.83 13.39
N LYS C 35 31.67 3.82 14.67
CA LYS C 35 30.69 3.60 15.73
C LYS C 35 29.55 4.61 15.70
N GLU C 36 29.86 5.82 15.21
CA GLU C 36 28.88 6.90 15.13
C GLU C 36 27.79 6.52 14.12
N TYR C 37 28.22 5.98 12.99
CA TYR C 37 27.30 5.58 11.94
C TYR C 37 26.94 4.10 12.11
N ALA C 38 27.39 3.53 13.22
CA ALA C 38 27.10 2.13 13.53
C ALA C 38 25.64 2.07 13.96
N GLN C 39 25.15 3.22 14.41
CA GLN C 39 23.76 3.34 14.84
C GLN C 39 22.83 3.33 13.64
N VAL C 40 23.05 4.26 12.71
CA VAL C 40 22.21 4.36 11.53
C VAL C 40 21.95 3.01 10.86
N PHE C 41 23.01 2.31 10.49
CA PHE C 41 22.90 1.00 9.84
C PHE C 41 21.94 0.09 10.60
N ARG C 42 22.05 0.10 11.92
CA ARG C 42 21.22 -0.74 12.77
C ARG C 42 19.77 -0.26 12.73
N GLU C 43 19.60 1.06 12.67
CA GLU C 43 18.27 1.67 12.64
C GLU C 43 17.60 1.38 11.30
N HIS C 44 18.36 1.56 10.23
CA HIS C 44 17.85 1.30 8.90
C HIS C 44 17.45 -0.16 8.81
N ALA C 45 18.24 -1.03 9.42
CA ALA C 45 17.95 -2.47 9.40
C ALA C 45 16.71 -2.74 10.25
N ASN C 46 16.53 -1.94 11.32
CA ASN C 46 15.37 -2.10 12.16
C ASN C 46 14.11 -1.69 11.38
N LYS C 47 14.27 -0.74 10.47
CA LYS C 47 13.15 -0.29 9.64
C LYS C 47 12.77 -1.39 8.65
N LEU C 48 13.77 -2.03 8.04
CA LEU C 48 13.50 -3.12 7.11
C LEU C 48 12.85 -4.30 7.85
N ILE C 49 13.27 -4.53 9.09
CA ILE C 49 12.74 -5.63 9.89
C ILE C 49 11.32 -5.34 10.39
N GLU C 50 11.02 -4.05 10.55
CA GLU C 50 9.70 -3.64 11.00
C GLU C 50 8.72 -3.78 9.82
N VAL C 51 9.17 -3.46 8.61
CA VAL C 51 8.33 -3.56 7.43
C VAL C 51 7.99 -5.03 7.14
N ALA C 52 8.93 -5.91 7.42
CA ALA C 52 8.71 -7.34 7.20
C ALA C 52 7.73 -7.89 8.25
N ASN C 53 7.88 -7.42 9.48
CA ASN C 53 6.99 -7.88 10.54
C ASN C 53 5.53 -7.48 10.28
N LEU C 54 5.29 -6.24 9.89
CA LEU C 54 3.93 -5.81 9.59
C LEU C 54 3.47 -6.72 8.47
N ALA C 55 4.24 -6.75 7.39
CA ALA C 55 3.94 -7.60 6.24
C ALA C 55 3.43 -8.97 6.66
N CYS C 56 4.15 -9.63 7.57
CA CYS C 56 3.71 -10.96 8.02
C CYS C 56 2.40 -10.81 8.80
N SER C 57 2.33 -9.81 9.67
CA SER C 57 1.14 -9.56 10.46
C SER C 57 -0.18 -9.56 9.68
N ILE C 58 -0.22 -8.72 8.64
CA ILE C 58 -1.41 -8.55 7.81
C ILE C 58 -1.58 -9.58 6.70
N SER C 59 -0.71 -10.60 6.67
CA SER C 59 -0.80 -11.62 5.63
C SER C 59 -1.32 -12.97 6.10
N ASN C 60 -2.12 -13.60 5.24
CA ASN C 60 -2.69 -14.91 5.52
C ASN C 60 -2.03 -16.00 4.69
N ASN C 61 -0.88 -15.69 4.10
CA ASN C 61 -0.14 -16.65 3.29
C ASN C 61 0.90 -17.35 4.18
N GLU C 62 0.49 -18.46 4.77
CA GLU C 62 1.35 -19.23 5.67
C GLU C 62 2.77 -19.41 5.12
N GLU C 63 2.88 -19.96 3.92
CA GLU C 63 4.17 -20.20 3.29
C GLU C 63 5.01 -18.93 3.12
N GLY C 64 4.43 -17.93 2.47
CA GLY C 64 5.14 -16.68 2.25
C GLY C 64 5.60 -16.01 3.53
N VAL C 65 4.80 -16.14 4.58
CA VAL C 65 5.15 -15.53 5.86
C VAL C 65 6.35 -16.20 6.51
N LYS C 66 6.48 -17.51 6.33
CA LYS C 66 7.61 -18.27 6.88
C LYS C 66 8.92 -17.78 6.28
N LEU C 67 8.90 -17.57 4.97
CA LEU C 67 10.08 -17.09 4.28
C LEU C 67 10.50 -15.75 4.83
N VAL C 68 9.56 -14.80 4.84
CA VAL C 68 9.83 -13.47 5.35
C VAL C 68 10.34 -13.55 6.77
N ARG C 69 9.68 -14.38 7.59
CA ARG C 69 10.13 -14.52 8.97
C ARG C 69 11.60 -14.85 8.97
N MSE C 70 11.96 -16.00 8.38
CA MSE C 70 13.36 -16.43 8.30
C MSE C 70 14.26 -15.29 7.86
O MSE C 70 15.12 -14.82 8.61
CB MSE C 70 13.53 -17.58 7.31
CG MSE C 70 12.69 -18.81 7.58
SE MSE C 70 13.12 -20.28 6.35
CE MSE C 70 13.33 -19.30 4.68
N SER C 71 14.08 -14.84 6.62
CA SER C 71 14.90 -13.76 6.07
C SER C 71 15.12 -12.59 7.01
N ALA C 72 14.08 -12.20 7.74
CA ALA C 72 14.22 -11.10 8.69
C ALA C 72 15.21 -11.53 9.79
N SER C 73 15.06 -12.75 10.29
CA SER C 73 15.94 -13.29 11.33
C SER C 73 17.40 -13.27 10.87
N GLN C 74 17.66 -13.79 9.68
CA GLN C 74 19.02 -13.83 9.18
C GLN C 74 19.53 -12.41 9.07
N LEU C 75 18.68 -11.51 8.59
CA LEU C 75 19.09 -10.11 8.45
C LEU C 75 19.31 -9.49 9.82
N GLU C 76 18.54 -9.95 10.81
CA GLU C 76 18.65 -9.45 12.18
C GLU C 76 19.99 -9.92 12.76
N ALA C 77 20.31 -11.19 12.51
CA ALA C 77 21.56 -11.76 13.00
C ALA C 77 22.75 -11.14 12.27
N LEU C 78 22.66 -11.07 10.95
CA LEU C 78 23.74 -10.53 10.14
C LEU C 78 24.10 -9.08 10.43
N CYS C 79 23.15 -8.31 10.94
CA CYS C 79 23.42 -6.90 11.21
C CYS C 79 24.69 -6.66 12.02
N PRO C 80 24.77 -7.23 13.25
CA PRO C 80 25.96 -7.06 14.10
C PRO C 80 27.22 -7.55 13.39
N GLN C 81 27.13 -8.73 12.80
CA GLN C 81 28.26 -9.30 12.08
C GLN C 81 28.88 -8.25 11.15
N VAL C 82 28.04 -7.61 10.34
CA VAL C 82 28.52 -6.57 9.43
C VAL C 82 29.12 -5.37 10.15
N ILE C 83 28.48 -4.94 11.23
CA ILE C 83 28.95 -3.79 11.98
C ILE C 83 30.29 -4.09 12.67
N ASN C 84 30.43 -5.30 13.19
CA ASN C 84 31.66 -5.70 13.87
C ASN C 84 32.84 -5.71 12.90
N ALA C 85 32.60 -6.15 11.67
CA ALA C 85 33.65 -6.19 10.66
C ALA C 85 34.04 -4.76 10.31
N ALA C 86 33.15 -3.83 10.61
CA ALA C 86 33.40 -2.42 10.36
C ALA C 86 34.31 -1.93 11.47
N LEU C 87 33.86 -2.10 12.71
CA LEU C 87 34.65 -1.69 13.86
C LEU C 87 36.02 -2.38 13.83
N ALA C 88 36.01 -3.69 13.64
CA ALA C 88 37.23 -4.48 13.59
C ALA C 88 38.24 -3.95 12.57
N LEU C 89 37.79 -3.71 11.35
CA LEU C 89 38.69 -3.20 10.31
C LEU C 89 39.13 -1.79 10.62
N ALA C 90 38.28 -1.04 11.31
CA ALA C 90 38.60 0.34 11.69
C ALA C 90 39.72 0.30 12.74
N ALA C 91 40.20 -0.91 13.02
CA ALA C 91 41.29 -1.11 13.98
C ALA C 91 42.57 -1.45 13.22
N LYS C 92 42.42 -2.00 12.03
CA LYS C 92 43.56 -2.37 11.18
C LYS C 92 43.28 -2.00 9.72
N PRO C 93 43.00 -0.71 9.48
CA PRO C 93 42.70 -0.09 8.18
C PRO C 93 43.51 -0.63 7.00
N GLN C 94 44.69 -1.16 7.30
CA GLN C 94 45.57 -1.69 6.26
C GLN C 94 45.52 -3.21 6.20
N SER C 95 45.14 -3.84 7.30
CA SER C 95 45.06 -5.30 7.35
C SER C 95 44.16 -5.87 6.27
N LYS C 96 44.75 -6.32 5.17
CA LYS C 96 43.97 -6.89 4.09
C LYS C 96 43.45 -8.24 4.58
N LEU C 97 43.81 -8.57 5.82
CA LEU C 97 43.39 -9.80 6.46
C LEU C 97 41.92 -9.66 6.85
N ALA C 98 41.56 -8.46 7.32
CA ALA C 98 40.20 -8.15 7.73
C ALA C 98 39.54 -7.21 6.73
N GLN C 99 40.04 -7.22 5.49
CA GLN C 99 39.50 -6.39 4.42
C GLN C 99 38.75 -7.25 3.41
N GLU C 100 39.15 -8.51 3.29
CA GLU C 100 38.50 -9.42 2.35
C GLU C 100 37.30 -10.10 2.99
N ASN C 101 37.26 -10.13 4.32
CA ASN C 101 36.14 -10.73 5.03
C ASN C 101 35.10 -9.61 5.13
N MSE C 102 35.58 -8.36 5.14
CA MSE C 102 34.72 -7.21 5.22
C MSE C 102 33.81 -7.25 4.01
O MSE C 102 32.72 -6.65 4.02
CB MSE C 102 35.54 -5.91 5.19
CG MSE C 102 34.71 -4.64 5.05
SE MSE C 102 33.46 -4.38 6.52
CE MSE C 102 34.02 -2.62 7.12
N ASP C 103 34.25 -7.95 2.98
CA ASP C 103 33.47 -8.09 1.76
C ASP C 103 32.69 -9.38 1.79
N LEU C 104 33.13 -10.33 2.62
CA LEU C 104 32.46 -11.62 2.76
C LEU C 104 31.21 -11.33 3.61
N PHE C 105 31.11 -10.08 4.03
CA PHE C 105 30.00 -9.61 4.86
C PHE C 105 29.32 -8.42 4.20
N LYS C 106 30.06 -7.69 3.35
CA LYS C 106 29.48 -6.54 2.67
C LYS C 106 28.50 -7.04 1.63
N GLU C 107 28.88 -8.07 0.89
CA GLU C 107 28.00 -8.62 -0.14
C GLU C 107 26.94 -9.49 0.52
N GLN C 108 27.32 -10.24 1.56
CA GLN C 108 26.38 -11.10 2.27
C GLN C 108 25.14 -10.35 2.71
N TRP C 109 25.33 -9.10 3.14
CA TRP C 109 24.24 -8.26 3.59
C TRP C 109 23.38 -7.82 2.41
N GLU C 110 24.01 -7.20 1.41
CA GLU C 110 23.28 -6.74 0.23
C GLU C 110 22.47 -7.90 -0.35
N LYS C 111 22.96 -9.11 -0.18
CA LYS C 111 22.27 -10.30 -0.69
C LYS C 111 21.18 -10.80 0.25
N GLN C 112 21.35 -10.59 1.55
CA GLN C 112 20.34 -11.05 2.50
C GLN C 112 19.18 -10.06 2.50
N VAL C 113 19.49 -8.83 2.12
CA VAL C 113 18.50 -7.77 2.04
C VAL C 113 17.55 -8.11 0.90
N ARG C 114 18.11 -8.38 -0.27
CA ARG C 114 17.31 -8.74 -1.45
C ARG C 114 16.50 -9.99 -1.21
N VAL C 115 17.04 -10.94 -0.45
CA VAL C 115 16.28 -12.15 -0.14
C VAL C 115 15.05 -11.74 0.65
N LEU C 116 15.21 -10.74 1.52
CA LEU C 116 14.08 -10.29 2.33
C LEU C 116 13.12 -9.55 1.39
N THR C 117 13.62 -8.51 0.73
CA THR C 117 12.83 -7.72 -0.20
C THR C 117 12.03 -8.63 -1.12
N ASP C 118 12.67 -9.69 -1.61
CA ASP C 118 12.00 -10.63 -2.50
C ASP C 118 10.87 -11.33 -1.77
N ALA C 119 11.19 -11.93 -0.61
CA ALA C 119 10.22 -12.66 0.16
C ALA C 119 8.98 -11.83 0.47
N VAL C 120 9.16 -10.52 0.67
CA VAL C 120 8.05 -9.63 0.96
C VAL C 120 7.25 -9.37 -0.32
N ASP C 121 7.94 -9.15 -1.43
CA ASP C 121 7.28 -8.93 -2.72
C ASP C 121 6.37 -10.11 -3.03
N ASP C 122 6.84 -11.32 -2.73
CA ASP C 122 6.05 -12.50 -3.01
C ASP C 122 4.69 -12.47 -2.36
N ILE C 123 4.53 -11.77 -1.24
CA ILE C 123 3.21 -11.73 -0.59
C ILE C 123 2.54 -10.37 -0.71
N THR C 124 3.12 -9.47 -1.49
CA THR C 124 2.58 -8.15 -1.67
C THR C 124 1.52 -8.10 -2.77
N SER C 125 1.84 -8.62 -3.94
CA SER C 125 0.87 -8.62 -5.04
C SER C 125 1.27 -9.77 -5.94
N ILE C 126 0.30 -10.38 -6.61
CA ILE C 126 0.65 -11.49 -7.49
C ILE C 126 1.62 -11.00 -8.57
N ASP C 127 1.50 -9.73 -8.96
CA ASP C 127 2.39 -9.16 -9.96
C ASP C 127 3.81 -9.22 -9.44
N ASP C 128 4.00 -8.77 -8.20
CA ASP C 128 5.33 -8.80 -7.60
C ASP C 128 5.87 -10.24 -7.60
N PHE C 129 5.03 -11.18 -7.17
CA PHE C 129 5.43 -12.59 -7.12
C PHE C 129 5.94 -13.08 -8.48
N LEU C 130 5.29 -12.67 -9.55
CA LEU C 130 5.71 -13.10 -10.87
C LEU C 130 6.97 -12.37 -11.33
N ALA C 131 7.13 -11.13 -10.87
CA ALA C 131 8.31 -10.34 -11.20
C ALA C 131 9.48 -10.90 -10.45
N VAL C 132 9.25 -11.34 -9.23
CA VAL C 132 10.33 -11.94 -8.45
C VAL C 132 10.68 -13.28 -9.07
N SER C 133 9.68 -13.95 -9.63
CA SER C 133 9.88 -15.25 -10.24
C SER C 133 10.72 -15.17 -11.53
N GLU C 134 10.54 -14.10 -12.29
CA GLU C 134 11.30 -13.93 -13.52
C GLU C 134 12.78 -13.77 -13.18
N ASN C 135 13.09 -12.91 -12.21
CA ASN C 135 14.47 -12.66 -11.82
C ASN C 135 15.17 -13.95 -11.44
N HIS C 136 14.49 -14.76 -10.64
CA HIS C 136 15.06 -16.02 -10.19
C HIS C 136 15.13 -17.07 -11.30
N ILE C 137 14.18 -17.05 -12.23
CA ILE C 137 14.21 -18.02 -13.33
C ILE C 137 15.35 -17.60 -14.26
N LEU C 138 15.39 -16.32 -14.60
CA LEU C 138 16.42 -15.78 -15.49
C LEU C 138 17.82 -15.89 -14.89
N GLU C 139 17.93 -15.73 -13.57
CA GLU C 139 19.23 -15.83 -12.91
C GLU C 139 19.63 -17.29 -12.90
N ASP C 140 18.64 -18.17 -12.76
CA ASP C 140 18.90 -19.61 -12.75
C ASP C 140 19.33 -20.10 -14.12
N VAL C 141 18.55 -19.75 -15.15
CA VAL C 141 18.86 -20.15 -16.50
C VAL C 141 20.28 -19.76 -16.84
N ASN C 142 20.60 -18.47 -16.72
CA ASN C 142 21.95 -18.00 -16.99
C ASN C 142 22.93 -18.84 -16.20
N LYS C 143 22.75 -18.90 -14.88
CA LYS C 143 23.63 -19.65 -14.02
C LYS C 143 23.59 -21.15 -14.34
N CYS C 144 22.72 -21.54 -15.25
CA CYS C 144 22.60 -22.93 -15.63
C CYS C 144 23.48 -23.19 -16.84
N VAL C 145 23.38 -22.30 -17.82
CA VAL C 145 24.18 -22.39 -19.04
C VAL C 145 25.65 -22.51 -18.68
N ILE C 146 26.07 -21.79 -17.64
CA ILE C 146 27.45 -21.82 -17.19
C ILE C 146 27.86 -23.24 -16.81
N ALA C 147 27.01 -23.93 -16.04
CA ALA C 147 27.31 -25.30 -15.65
C ALA C 147 27.57 -26.11 -16.92
N LEU C 148 26.56 -26.19 -17.77
CA LEU C 148 26.65 -26.90 -19.04
C LEU C 148 27.94 -26.49 -19.76
N GLN C 149 28.07 -25.18 -19.93
CA GLN C 149 29.21 -24.53 -20.58
C GLN C 149 30.47 -24.60 -19.70
N GLU C 150 30.51 -25.57 -18.79
CA GLU C 150 31.64 -25.72 -17.87
C GLU C 150 31.74 -27.16 -17.37
N LYS C 151 30.86 -28.00 -17.90
CA LYS C 151 30.80 -29.41 -17.53
C LYS C 151 30.53 -29.64 -16.05
N ASP C 152 29.94 -28.65 -15.39
CA ASP C 152 29.62 -28.78 -13.96
C ASP C 152 28.33 -29.59 -13.87
N VAL C 153 28.40 -30.87 -14.23
CA VAL C 153 27.25 -31.76 -14.21
C VAL C 153 26.60 -31.89 -12.83
N ASP C 154 27.08 -31.11 -11.86
CA ASP C 154 26.54 -31.16 -10.51
C ASP C 154 25.64 -29.94 -10.30
N GLY C 155 26.22 -28.75 -10.49
CA GLY C 155 25.47 -27.51 -10.34
C GLY C 155 24.33 -27.44 -11.34
N LEU C 156 24.50 -28.12 -12.47
CA LEU C 156 23.47 -28.14 -13.50
C LEU C 156 22.20 -28.74 -12.90
N ASP C 157 22.24 -30.03 -12.57
CA ASP C 157 21.09 -30.71 -11.98
C ASP C 157 20.46 -29.87 -10.88
N ARG C 158 21.31 -29.13 -10.17
CA ARG C 158 20.84 -28.29 -9.08
C ARG C 158 19.93 -27.15 -9.55
N THR C 159 20.45 -26.28 -10.41
CA THR C 159 19.63 -25.16 -10.91
C THR C 159 18.44 -25.68 -11.71
N ALA C 160 18.64 -26.72 -12.52
CA ALA C 160 17.56 -27.29 -13.32
C ALA C 160 16.37 -27.57 -12.40
N GLY C 161 16.67 -28.08 -11.20
CA GLY C 161 15.62 -28.39 -10.24
C GLY C 161 15.06 -27.11 -9.67
N ALA C 162 15.94 -26.15 -9.40
CA ALA C 162 15.53 -24.86 -8.85
C ALA C 162 14.60 -24.19 -9.85
N ILE C 163 14.89 -24.39 -11.13
CA ILE C 163 14.09 -23.83 -12.21
C ILE C 163 12.75 -24.53 -12.24
N ARG C 164 12.78 -25.86 -12.28
CA ARG C 164 11.55 -26.64 -12.31
C ARG C 164 10.75 -26.29 -11.08
N GLY C 165 11.43 -26.18 -9.95
CA GLY C 165 10.77 -25.85 -8.70
C GLY C 165 10.01 -24.53 -8.78
N ARG C 166 10.74 -23.44 -8.89
CA ARG C 166 10.11 -22.13 -8.96
C ARG C 166 9.07 -22.07 -10.07
N ALA C 167 9.36 -22.66 -11.22
CA ALA C 167 8.43 -22.64 -12.34
C ALA C 167 7.09 -23.26 -11.92
N ALA C 168 7.16 -24.36 -11.17
CA ALA C 168 5.96 -25.05 -10.70
C ALA C 168 5.21 -24.27 -9.61
N ARG C 169 5.94 -23.48 -8.83
CA ARG C 169 5.31 -22.67 -7.78
C ARG C 169 4.48 -21.61 -8.47
N VAL C 170 5.05 -20.98 -9.49
CA VAL C 170 4.35 -19.95 -10.22
C VAL C 170 3.05 -20.52 -10.78
N ILE C 171 3.14 -21.71 -11.37
CA ILE C 171 1.98 -22.35 -11.95
C ILE C 171 0.86 -22.50 -10.91
N HIS C 172 1.23 -23.08 -9.76
CA HIS C 172 0.29 -23.32 -8.67
C HIS C 172 -0.41 -22.04 -8.19
N VAL C 173 0.39 -21.04 -7.85
CA VAL C 173 -0.09 -19.74 -7.36
C VAL C 173 -1.02 -19.02 -8.34
N VAL C 174 -0.66 -19.03 -9.61
CA VAL C 174 -1.45 -18.36 -10.62
C VAL C 174 -2.75 -19.11 -10.85
N THR C 175 -2.67 -20.44 -10.90
CA THR C 175 -3.85 -21.24 -11.10
C THR C 175 -4.80 -20.94 -9.95
N SER C 176 -4.38 -21.32 -8.74
CA SER C 176 -5.18 -21.08 -7.55
C SER C 176 -5.78 -19.68 -7.58
N GLU C 177 -4.98 -18.68 -7.95
CA GLU C 177 -5.46 -17.31 -8.01
C GLU C 177 -6.64 -17.10 -8.96
N MSE C 178 -6.62 -17.75 -10.12
CA MSE C 178 -7.71 -17.57 -11.08
C MSE C 178 -9.03 -18.10 -10.51
O MSE C 178 -10.10 -17.75 -11.01
CB MSE C 178 -7.42 -18.27 -12.41
CG MSE C 178 -6.23 -17.74 -13.19
SE MSE C 178 -6.24 -15.81 -13.43
CE MSE C 178 -8.06 -15.58 -14.06
N ASP C 179 -8.96 -18.93 -9.48
CA ASP C 179 -10.18 -19.46 -8.88
C ASP C 179 -11.00 -18.32 -8.28
N ASN C 180 -10.30 -17.24 -7.94
CA ASN C 180 -10.96 -16.10 -7.35
C ASN C 180 -11.77 -15.29 -8.37
N TYR C 181 -11.46 -15.47 -9.65
CA TYR C 181 -12.14 -14.73 -10.73
C TYR C 181 -13.24 -15.49 -11.46
N GLU C 182 -14.10 -14.73 -12.14
CA GLU C 182 -15.22 -15.29 -12.87
C GLU C 182 -14.78 -15.83 -14.23
N PRO C 183 -15.00 -17.14 -14.48
CA PRO C 183 -14.64 -17.81 -15.74
C PRO C 183 -14.99 -17.04 -17.00
N GLY C 184 -13.96 -16.59 -17.72
CA GLY C 184 -14.16 -15.83 -18.93
C GLY C 184 -12.86 -15.65 -19.69
N VAL C 185 -12.81 -14.70 -20.62
CA VAL C 185 -11.61 -14.46 -21.41
C VAL C 185 -10.35 -14.41 -20.54
N TYR C 186 -10.24 -13.33 -19.76
CA TYR C 186 -9.13 -13.12 -18.85
C TYR C 186 -8.62 -14.44 -18.26
N THR C 187 -9.50 -15.13 -17.55
CA THR C 187 -9.16 -16.40 -16.92
C THR C 187 -8.52 -17.43 -17.84
N GLU C 188 -9.26 -17.87 -18.86
CA GLU C 188 -8.76 -18.87 -19.79
C GLU C 188 -7.44 -18.47 -20.45
N LYS C 189 -7.30 -17.20 -20.83
CA LYS C 189 -6.05 -16.74 -21.44
C LYS C 189 -4.89 -16.96 -20.47
N VAL C 190 -5.07 -16.52 -19.23
CA VAL C 190 -4.04 -16.69 -18.21
C VAL C 190 -3.77 -18.18 -18.02
N LEU C 191 -4.83 -18.98 -18.09
CA LEU C 191 -4.70 -20.43 -17.91
C LEU C 191 -4.09 -21.16 -19.13
N GLU C 192 -4.09 -20.51 -20.29
CA GLU C 192 -3.50 -21.15 -21.47
C GLU C 192 -1.98 -21.02 -21.38
N ALA C 193 -1.56 -19.92 -20.79
CA ALA C 193 -0.16 -19.59 -20.60
C ALA C 193 0.50 -20.56 -19.60
N THR C 194 -0.22 -20.88 -18.51
CA THR C 194 0.31 -21.79 -17.50
C THR C 194 0.33 -23.22 -18.04
N LYS C 195 -0.73 -23.60 -18.74
CA LYS C 195 -0.83 -24.94 -19.32
C LYS C 195 0.34 -25.14 -20.29
N LEU C 196 0.53 -24.17 -21.19
CA LEU C 196 1.64 -24.28 -22.12
C LEU C 196 2.96 -24.36 -21.35
N LEU C 197 3.04 -23.71 -20.20
CA LEU C 197 4.28 -23.72 -19.43
C LEU C 197 4.57 -25.09 -18.80
N SER C 198 3.52 -25.75 -18.30
CA SER C 198 3.69 -27.05 -17.66
C SER C 198 3.60 -28.27 -18.58
N ASN C 199 2.73 -28.23 -19.59
CA ASN C 199 2.58 -29.37 -20.49
C ASN C 199 3.48 -29.35 -21.73
N THR C 200 4.06 -28.19 -22.08
CA THR C 200 4.92 -28.10 -23.24
C THR C 200 6.31 -27.56 -22.95
N VAL C 201 6.39 -26.35 -22.40
CA VAL C 201 7.67 -25.72 -22.11
C VAL C 201 8.57 -26.42 -21.10
N MSE C 202 8.10 -26.57 -19.85
CA MSE C 202 8.91 -27.22 -18.82
C MSE C 202 9.35 -28.63 -19.23
O MSE C 202 10.50 -29.02 -19.00
CB MSE C 202 8.16 -27.33 -17.48
CG MSE C 202 7.92 -26.01 -16.77
SE MSE C 202 9.50 -24.88 -16.81
CE MSE C 202 10.82 -26.04 -15.95
N PRO C 203 8.43 -29.42 -19.82
CA PRO C 203 8.81 -30.78 -20.23
C PRO C 203 9.96 -30.71 -21.24
N ARG C 204 9.96 -29.67 -22.07
CA ARG C 204 11.00 -29.48 -23.07
C ARG C 204 12.32 -29.19 -22.35
N PHE C 205 12.28 -28.19 -21.46
CA PHE C 205 13.46 -27.80 -20.71
C PHE C 205 14.13 -29.03 -20.13
N THR C 206 13.34 -29.87 -19.48
CA THR C 206 13.83 -31.08 -18.84
C THR C 206 14.63 -31.97 -19.80
N GLU C 207 14.01 -32.34 -20.90
CA GLU C 207 14.65 -33.21 -21.88
C GLU C 207 16.00 -32.64 -22.34
N GLN C 208 16.10 -31.31 -22.36
CA GLN C 208 17.35 -30.65 -22.75
C GLN C 208 18.38 -30.67 -21.63
N VAL C 209 17.93 -30.93 -20.41
CA VAL C 209 18.83 -30.98 -19.27
C VAL C 209 19.34 -32.41 -19.10
N GLU C 210 18.44 -33.37 -19.32
CA GLU C 210 18.79 -34.79 -19.23
C GLU C 210 19.73 -35.11 -20.39
N ALA C 211 19.52 -34.44 -21.51
CA ALA C 211 20.34 -34.64 -22.69
C ALA C 211 21.68 -33.94 -22.51
N ALA C 212 21.74 -32.99 -21.59
CA ALA C 212 22.97 -32.27 -21.31
C ALA C 212 23.90 -33.18 -20.49
N VAL C 213 23.41 -33.62 -19.34
CA VAL C 213 24.18 -34.52 -18.48
C VAL C 213 24.42 -35.80 -19.25
N GLU C 214 23.63 -36.00 -20.30
CA GLU C 214 23.71 -37.16 -21.17
C GLU C 214 25.05 -37.16 -21.92
N ALA C 215 25.38 -36.04 -22.54
CA ALA C 215 26.61 -35.91 -23.30
C ALA C 215 27.82 -35.79 -22.38
N LEU C 216 27.75 -34.84 -21.46
CA LEU C 216 28.82 -34.58 -20.51
C LEU C 216 29.28 -35.85 -19.76
N SER C 217 28.39 -36.41 -18.95
CA SER C 217 28.66 -37.60 -18.15
C SER C 217 29.14 -38.84 -18.92
N SER C 218 28.66 -39.04 -20.14
CA SER C 218 29.07 -40.19 -20.95
C SER C 218 30.51 -40.06 -21.42
N ASP C 225 22.89 -29.47 -28.95
CA ASP C 225 23.98 -28.54 -28.67
C ASP C 225 23.53 -27.47 -27.67
N GLU C 226 24.48 -26.68 -27.19
CA GLU C 226 24.18 -25.64 -26.21
C GLU C 226 23.13 -24.63 -26.69
N ASN C 227 23.23 -24.16 -27.92
CA ASN C 227 22.25 -23.19 -28.41
C ASN C 227 20.86 -23.81 -28.32
N GLU C 228 20.79 -25.13 -28.48
CA GLU C 228 19.54 -25.86 -28.39
C GLU C 228 19.06 -25.75 -26.94
N PHE C 229 20.01 -25.74 -26.01
CA PHE C 229 19.72 -25.64 -24.59
C PHE C 229 19.26 -24.23 -24.26
N ILE C 230 20.09 -23.25 -24.60
CA ILE C 230 19.79 -21.85 -24.36
C ILE C 230 18.42 -21.44 -24.92
N ASP C 231 18.04 -22.04 -26.04
CA ASP C 231 16.75 -21.70 -26.59
C ASP C 231 15.67 -22.35 -25.71
N ALA C 232 15.95 -23.55 -25.21
CA ALA C 232 15.01 -24.25 -24.33
C ALA C 232 14.93 -23.48 -23.03
N SER C 233 16.06 -22.90 -22.61
CA SER C 233 16.11 -22.12 -21.36
C SER C 233 15.39 -20.78 -21.51
N ARG C 234 15.64 -20.08 -22.61
CA ARG C 234 14.99 -18.80 -22.83
C ARG C 234 13.47 -19.00 -22.88
N LEU C 235 13.05 -20.17 -23.33
CA LEU C 235 11.62 -20.48 -23.45
C LEU C 235 10.92 -20.45 -22.08
N VAL C 236 11.56 -21.07 -21.08
CA VAL C 236 11.02 -21.12 -19.73
C VAL C 236 10.76 -19.70 -19.23
N TYR C 237 11.78 -18.87 -19.34
CA TYR C 237 11.67 -17.49 -18.92
C TYR C 237 10.52 -16.83 -19.67
N ASP C 238 10.47 -17.06 -20.98
CA ASP C 238 9.41 -16.48 -21.83
C ASP C 238 8.02 -16.95 -21.39
N GLY C 239 7.91 -18.23 -21.04
CA GLY C 239 6.62 -18.76 -20.61
C GLY C 239 6.16 -17.96 -19.41
N ILE C 240 7.06 -17.75 -18.47
CA ILE C 240 6.75 -17.00 -17.28
C ILE C 240 6.32 -15.57 -17.64
N ARG C 241 7.08 -14.91 -18.50
CA ARG C 241 6.74 -13.54 -18.90
C ARG C 241 5.38 -13.49 -19.58
N ASP C 242 5.05 -14.53 -20.33
CA ASP C 242 3.75 -14.59 -20.99
C ASP C 242 2.67 -14.72 -19.93
N ILE C 243 2.90 -15.53 -18.91
CA ILE C 243 1.92 -15.68 -17.84
C ILE C 243 1.70 -14.33 -17.16
N ARG C 244 2.81 -13.70 -16.76
CA ARG C 244 2.74 -12.41 -16.09
C ARG C 244 1.97 -11.39 -16.92
N LYS C 245 2.35 -11.24 -18.18
CA LYS C 245 1.66 -10.29 -19.04
C LYS C 245 0.19 -10.65 -19.13
N ALA C 246 -0.11 -11.94 -19.03
CA ALA C 246 -1.50 -12.38 -19.10
C ALA C 246 -2.27 -11.96 -17.86
N VAL C 247 -1.68 -12.20 -16.69
CA VAL C 247 -2.33 -11.85 -15.44
C VAL C 247 -2.57 -10.34 -15.35
N LEU C 248 -1.87 -9.56 -16.17
CA LEU C 248 -2.04 -8.11 -16.16
C LEU C 248 -3.07 -7.55 -17.13
N MSE C 249 -3.61 -8.38 -18.03
CA MSE C 249 -4.60 -7.92 -18.98
C MSE C 249 -5.94 -7.69 -18.28
O MSE C 249 -6.37 -6.51 -18.16
CB MSE C 249 -4.82 -8.93 -20.11
CG MSE C 249 -3.57 -9.26 -20.92
SE MSE C 249 -2.40 -7.73 -21.21
CE MSE C 249 -3.56 -6.68 -22.38
#